data_8Y6D
#
_entry.id   8Y6D
#
_cell.length_a   65.408
_cell.length_b   78.926
_cell.length_c   70.074
_cell.angle_alpha   90.00
_cell.angle_beta   101.13
_cell.angle_gamma   90.00
#
_symmetry.space_group_name_H-M   'P 1 21 1'
#
loop_
_entity.id
_entity.type
_entity.pdbx_description
1 polymer "GII.10 norovirus P domain in complex with 2'-FL (tablet)"
2 branched alpha-L-fucopyranose-(1-2)-beta-D-galactopyranose-(1-4)-alpha-D-glucopyranose
3 non-polymer 1,2-ETHANEDIOL
4 non-polymer 'NITRATE ION'
5 non-polymer DI(HYDROXYETHYL)ETHER
6 water water
#
_entity_poly.entity_id   1
_entity_poly.type   'polypeptide(L)'
_entity_poly.pdbx_seq_one_letter_code
;SKPFTLPILTLGELTNSRFPLPIDVLYTNPNESAIVQCQNGRCTLDGELQGTTQLLPTGICAFRGKVTQQVQDEHRGTHW
NMTVTNLNGTPFDPTEDVPAPLGTPDFSGQIYGVISQRNTNTVPGEGNLPANRAHEAVIATYSPKFTPKLGNIQFSTWET
QDVSSGQPTKFTPVGLASVDANSHFDQWTLPSYSGALTLNMNLAPSVAPVFPGECLLFFRSFIPLKGGYGNPAIDCLMPQ
EWVQHLYQESAPSLSDVALVRYVNPETGRTLFEAKLHRNGFLTVARNSAGPVVAPTNGYFRFDSWVNQFYTLAPM
;
_entity_poly.pdbx_strand_id   A,B
#
loop_
_chem_comp.id
_chem_comp.type
_chem_comp.name
_chem_comp.formula
EDO non-polymer 1,2-ETHANEDIOL 'C2 H6 O2'
FUC L-saccharide, alpha linking alpha-L-fucopyranose 'C6 H12 O5'
GAL D-saccharide, beta linking beta-D-galactopyranose 'C6 H12 O6'
GLC D-saccharide, alpha linking alpha-D-glucopyranose 'C6 H12 O6'
NO3 non-polymer 'NITRATE ION' 'N O3 -1'
PEG non-polymer DI(HYDROXYETHYL)ETHER 'C4 H10 O3'
#
# COMPACT_ATOMS: atom_id res chain seq x y z
N SER A 1 3.23 -24.25 23.12
CA SER A 1 2.57 -23.46 22.08
C SER A 1 3.22 -22.09 21.95
N LYS A 2 3.56 -21.69 20.72
CA LYS A 2 4.04 -20.34 20.49
C LYS A 2 3.01 -19.35 21.04
N PRO A 3 3.41 -18.41 21.90
CA PRO A 3 2.44 -17.45 22.44
C PRO A 3 1.84 -16.56 21.36
N PHE A 4 0.55 -16.30 21.50
CA PHE A 4 -0.16 -15.42 20.58
C PHE A 4 0.26 -13.98 20.84
N THR A 5 0.41 -13.21 19.76
CA THR A 5 0.77 -11.82 19.90
C THR A 5 0.08 -11.00 18.80
N LEU A 6 -0.06 -9.72 19.07
CA LEU A 6 -0.49 -8.71 18.11
C LEU A 6 0.68 -7.75 17.88
N PRO A 7 0.77 -7.11 16.72
CA PRO A 7 1.82 -6.09 16.54
C PRO A 7 1.57 -4.89 17.43
N ILE A 8 2.64 -4.11 17.64
CA ILE A 8 2.57 -2.93 18.48
C ILE A 8 2.51 -1.73 17.56
N LEU A 9 1.32 -1.44 17.06
CA LEU A 9 1.12 -0.35 16.11
C LEU A 9 -0.04 0.47 16.63
N THR A 10 0.15 1.77 16.63
CA THR A 10 -0.92 2.65 16.97
C THR A 10 -1.86 2.75 15.79
N LEU A 11 -3.04 3.28 16.05
CA LEU A 11 -4.00 3.49 14.98
C LEU A 11 -3.39 4.25 13.81
N GLY A 12 -2.52 5.21 14.10
CA GLY A 12 -1.91 6.00 13.05
C GLY A 12 -0.80 5.29 12.33
N GLU A 13 -0.56 4.03 12.66
CA GLU A 13 0.43 3.19 11.99
C GLU A 13 -0.20 1.98 11.32
N LEU A 14 -1.52 1.99 11.14
CA LEU A 14 -2.27 0.87 10.59
C LEU A 14 -2.98 1.29 9.31
N THR A 15 -3.19 0.30 8.43
CA THR A 15 -3.92 0.52 7.18
C THR A 15 -5.07 -0.47 7.04
N ASN A 16 -6.06 -0.07 6.26
CA ASN A 16 -7.27 -0.85 6.04
C ASN A 16 -6.96 -2.06 5.17
N SER A 17 -7.61 -3.18 5.48
CA SER A 17 -7.44 -4.40 4.73
C SER A 17 -8.46 -4.59 3.61
N ARG A 18 -9.42 -3.68 3.45
CA ARG A 18 -10.44 -3.76 2.41
C ARG A 18 -10.33 -2.68 1.35
N PHE A 19 -9.47 -1.69 1.55
CA PHE A 19 -9.17 -0.66 0.56
C PHE A 19 -7.86 -0.02 0.97
N PRO A 20 -7.04 0.45 0.02
CA PRO A 20 -5.71 1.00 0.42
C PRO A 20 -5.79 2.40 1.02
N LEU A 21 -6.08 2.43 2.31
CA LEU A 21 -6.34 3.66 3.06
C LEU A 21 -5.74 3.47 4.44
N PRO A 22 -5.28 4.56 5.06
CA PRO A 22 -4.94 4.48 6.48
C PRO A 22 -6.18 4.26 7.32
N ILE A 23 -6.00 3.67 8.51
CA ILE A 23 -7.10 3.63 9.47
C ILE A 23 -7.27 5.02 10.09
N ASP A 24 -8.51 5.51 10.08
CA ASP A 24 -8.82 6.82 10.63
C ASP A 24 -9.38 6.78 12.05
N VAL A 25 -10.24 5.81 12.36
CA VAL A 25 -10.88 5.77 13.66
C VAL A 25 -11.39 4.36 13.91
N LEU A 26 -11.53 4.00 15.18
CA LEU A 26 -12.29 2.81 15.52
C LEU A 26 -13.77 3.17 15.57
N TYR A 27 -14.65 2.21 15.27
CA TYR A 27 -16.05 2.53 15.02
C TYR A 27 -16.97 1.37 15.37
N THR A 28 -18.14 1.72 15.92
CA THR A 28 -19.17 0.72 16.16
C THR A 28 -20.49 1.15 15.51
N ASN A 29 -21.35 0.16 15.23
CA ASN A 29 -22.70 0.41 14.76
C ASN A 29 -23.57 -0.78 15.17
N PRO A 30 -24.04 -0.80 16.43
CA PRO A 30 -24.77 -1.98 16.93
C PRO A 30 -26.04 -2.30 16.16
N ASN A 31 -26.66 -1.32 15.53
CA ASN A 31 -27.95 -1.54 14.91
C ASN A 31 -27.86 -1.89 13.44
N GLU A 32 -26.66 -2.18 12.94
CA GLU A 32 -26.49 -2.60 11.56
C GLU A 32 -27.41 -3.77 11.24
N SER A 33 -28.15 -3.66 10.14
CA SER A 33 -29.08 -4.71 9.75
C SER A 33 -28.46 -5.71 8.79
N ALA A 34 -27.40 -5.33 8.07
CA ALA A 34 -26.81 -6.23 7.09
C ALA A 34 -26.01 -7.33 7.75
N ILE A 35 -25.90 -8.45 7.05
CA ILE A 35 -24.95 -9.49 7.43
C ILE A 35 -23.55 -9.01 7.09
N VAL A 36 -22.64 -9.09 8.05
CA VAL A 36 -21.27 -8.65 7.85
C VAL A 36 -20.47 -9.87 7.41
N GLN A 37 -20.03 -9.88 6.15
CA GLN A 37 -19.38 -11.05 5.59
C GLN A 37 -18.36 -10.60 4.54
N CYS A 38 -17.55 -9.61 4.89
CA CYS A 38 -16.52 -9.14 3.97
C CYS A 38 -15.51 -10.26 3.72
N GLN A 39 -14.82 -10.16 2.57
CA GLN A 39 -13.93 -11.20 2.07
C GLN A 39 -12.45 -10.80 2.02
N ASN A 40 -12.13 -9.51 2.10
CA ASN A 40 -10.76 -9.03 2.30
C ASN A 40 -10.56 -8.69 3.78
N GLY A 41 -9.32 -8.80 4.25
CA GLY A 41 -8.99 -8.64 5.64
C GLY A 41 -9.56 -9.74 6.51
N ARG A 42 -9.58 -10.97 6.00
CA ARG A 42 -10.09 -12.13 6.71
C ARG A 42 -8.94 -13.06 7.00
N CYS A 43 -8.67 -13.29 8.28
CA CYS A 43 -7.58 -14.15 8.72
C CYS A 43 -7.92 -14.65 10.11
N THR A 44 -7.81 -15.96 10.30
CA THR A 44 -8.01 -16.52 11.63
C THR A 44 -6.84 -16.13 12.52
N LEU A 45 -7.04 -16.28 13.83
CA LEU A 45 -6.00 -15.89 14.77
C LEU A 45 -4.78 -16.78 14.67
N ASP A 46 -4.92 -18.00 14.15
CA ASP A 46 -3.79 -18.89 13.94
C ASP A 46 -3.19 -18.76 12.54
N GLY A 47 -3.57 -17.72 11.78
CA GLY A 47 -2.85 -17.39 10.56
C GLY A 47 -3.43 -17.89 9.24
N GLU A 48 -4.65 -18.40 9.23
CA GLU A 48 -5.28 -18.89 8.01
C GLU A 48 -6.02 -17.76 7.30
N LEU A 49 -5.49 -17.36 6.14
CA LEU A 49 -6.17 -16.37 5.31
C LEU A 49 -7.44 -16.97 4.72
N GLN A 50 -8.49 -16.16 4.64
CA GLN A 50 -9.78 -16.64 4.16
C GLN A 50 -10.33 -15.68 3.12
N GLY A 51 -11.40 -16.10 2.46
CA GLY A 51 -12.06 -15.24 1.45
C GLY A 51 -11.13 -14.95 0.29
N THR A 52 -11.06 -13.67 -0.10
CA THR A 52 -10.15 -13.22 -1.15
C THR A 52 -8.92 -12.53 -0.57
N THR A 53 -8.58 -12.81 0.67
CA THR A 53 -7.53 -12.04 1.33
C THR A 53 -6.17 -12.48 0.86
N GLN A 54 -5.33 -11.49 0.58
CA GLN A 54 -3.92 -11.70 0.29
C GLN A 54 -3.11 -10.70 1.09
N LEU A 55 -1.77 -10.82 1.00
CA LEU A 55 -0.92 -10.13 1.97
C LEU A 55 -0.46 -8.74 1.54
N LEU A 56 -0.51 -8.43 0.25
CA LEU A 56 0.07 -7.18 -0.23
C LEU A 56 -0.88 -6.01 0.00
N PRO A 57 -0.42 -4.93 0.62
CA PRO A 57 -1.27 -3.72 0.64
C PRO A 57 -1.62 -3.23 -0.76
N THR A 58 -0.72 -3.42 -1.75
CA THR A 58 -0.95 -3.00 -3.13
C THR A 58 -1.90 -3.92 -3.89
N GLY A 59 -2.26 -5.05 -3.30
CA GLY A 59 -3.15 -5.99 -3.94
C GLY A 59 -4.63 -5.80 -3.63
N ILE A 60 -4.95 -4.98 -2.62
CA ILE A 60 -6.32 -4.85 -2.15
C ILE A 60 -7.11 -4.04 -3.15
N CYS A 61 -8.16 -4.63 -3.73
CA CYS A 61 -8.97 -4.00 -4.77
C CYS A 61 -8.19 -3.71 -6.06
N ALA A 62 -7.08 -4.41 -6.30
CA ALA A 62 -6.30 -4.27 -7.51
C ALA A 62 -6.67 -5.39 -8.48
N PHE A 63 -6.42 -5.15 -9.77
CA PHE A 63 -6.56 -6.19 -10.79
C PHE A 63 -5.36 -6.12 -11.74
N ARG A 64 -5.06 -7.25 -12.34
CA ARG A 64 -4.01 -7.40 -13.33
C ARG A 64 -4.60 -8.27 -14.42
N GLY A 65 -4.34 -7.90 -15.68
CA GLY A 65 -4.83 -8.71 -16.79
C GLY A 65 -4.53 -8.06 -18.13
N LYS A 66 -5.46 -8.22 -19.08
CA LYS A 66 -5.29 -7.65 -20.41
C LYS A 66 -6.62 -7.17 -20.93
N VAL A 67 -6.64 -5.98 -21.51
CA VAL A 67 -7.83 -5.52 -22.22
C VAL A 67 -8.02 -6.39 -23.45
N THR A 68 -9.26 -6.77 -23.71
CA THR A 68 -9.55 -7.52 -24.94
C THR A 68 -10.09 -6.61 -26.04
N GLN A 69 -11.19 -5.91 -25.78
CA GLN A 69 -11.76 -5.00 -26.74
C GLN A 69 -12.60 -3.96 -26.02
N GLN A 70 -12.93 -2.91 -26.74
CA GLN A 70 -13.96 -1.98 -26.32
C GLN A 70 -15.31 -2.66 -26.49
N VAL A 71 -16.23 -2.37 -25.58
CA VAL A 71 -17.53 -3.02 -25.59
C VAL A 71 -18.63 -2.00 -25.38
N GLN A 72 -19.84 -2.35 -25.82
CA GLN A 72 -20.99 -1.51 -25.60
C GLN A 72 -21.61 -1.77 -24.23
N ASP A 73 -22.21 -0.74 -23.66
CA ASP A 73 -22.86 -0.79 -22.35
C ASP A 73 -23.81 0.39 -22.29
N GLU A 74 -24.96 0.19 -21.64
CA GLU A 74 -25.97 1.25 -21.57
C GLU A 74 -25.51 2.45 -20.76
N HIS A 75 -24.50 2.30 -19.92
CA HIS A 75 -24.14 3.33 -18.96
C HIS A 75 -23.14 4.32 -19.55
N ARG A 76 -23.08 5.50 -18.93
CA ARG A 76 -22.32 6.60 -19.50
C ARG A 76 -20.83 6.28 -19.44
N GLY A 77 -20.15 6.57 -20.55
CA GLY A 77 -18.70 6.42 -20.64
C GLY A 77 -18.33 5.49 -21.78
N THR A 78 -17.05 5.15 -21.84
CA THR A 78 -16.52 4.21 -22.79
C THR A 78 -16.13 2.96 -22.02
N HIS A 79 -16.48 1.80 -22.53
CA HIS A 79 -16.37 0.56 -21.77
C HIS A 79 -15.42 -0.41 -22.43
N TRP A 80 -14.73 -1.17 -21.57
CA TRP A 80 -13.64 -2.02 -21.98
C TRP A 80 -13.74 -3.34 -21.22
N ASN A 81 -13.57 -4.46 -21.92
CA ASN A 81 -13.45 -5.71 -21.24
C ASN A 81 -12.00 -6.04 -20.99
N MET A 82 -11.70 -6.59 -19.82
CA MET A 82 -10.37 -7.12 -19.58
C MET A 82 -10.44 -8.51 -18.93
N THR A 83 -9.61 -9.41 -19.41
CA THR A 83 -9.40 -10.63 -18.67
C THR A 83 -8.59 -10.27 -17.45
N VAL A 84 -8.74 -11.07 -16.39
CA VAL A 84 -7.99 -10.90 -15.15
C VAL A 84 -7.26 -12.19 -14.82
N THR A 85 -6.02 -12.04 -14.38
CA THR A 85 -5.20 -13.12 -13.89
C THR A 85 -5.10 -13.00 -12.37
N ASN A 86 -4.37 -13.91 -11.78
CA ASN A 86 -3.91 -13.68 -10.42
C ASN A 86 -3.02 -12.44 -10.42
N LEU A 87 -2.91 -11.80 -9.26
CA LEU A 87 -2.11 -10.59 -9.17
C LEU A 87 -0.64 -10.84 -9.52
N ASN A 88 -0.13 -12.06 -9.28
CA ASN A 88 1.25 -12.39 -9.63
C ASN A 88 1.42 -12.75 -11.10
N GLY A 89 0.37 -12.57 -11.90
CA GLY A 89 0.48 -12.77 -13.34
C GLY A 89 0.18 -14.17 -13.82
N THR A 90 0.12 -15.14 -12.91
CA THR A 90 -0.23 -16.50 -13.33
C THR A 90 -1.73 -16.56 -13.64
N PRO A 91 -2.13 -17.44 -14.55
CA PRO A 91 -3.55 -17.57 -14.88
C PRO A 91 -4.38 -17.91 -13.66
N PHE A 92 -5.55 -17.29 -13.57
CA PHE A 92 -6.46 -17.59 -12.47
C PHE A 92 -7.19 -18.89 -12.79
N ASP A 93 -7.14 -19.83 -11.85
CA ASP A 93 -7.76 -21.13 -12.02
C ASP A 93 -9.11 -21.10 -11.33
N PRO A 94 -10.22 -21.07 -12.08
CA PRO A 94 -11.53 -20.98 -11.41
C PRO A 94 -11.86 -22.17 -10.53
N THR A 95 -11.15 -23.29 -10.66
CA THR A 95 -11.39 -24.45 -9.81
C THR A 95 -10.75 -24.35 -8.42
N GLU A 96 -9.91 -23.34 -8.20
CA GLU A 96 -9.36 -23.15 -6.87
C GLU A 96 -10.47 -22.76 -5.89
N ASP A 97 -10.28 -23.13 -4.62
CA ASP A 97 -11.31 -22.96 -3.59
C ASP A 97 -11.26 -21.55 -3.00
N VAL A 98 -11.46 -20.57 -3.88
CA VAL A 98 -11.54 -19.17 -3.46
C VAL A 98 -12.74 -18.54 -4.16
N PRO A 99 -13.27 -17.43 -3.61
CA PRO A 99 -14.44 -16.81 -4.23
C PRO A 99 -14.17 -16.14 -5.56
N ALA A 100 -12.93 -15.73 -5.80
CA ALA A 100 -12.51 -14.88 -6.91
C ALA A 100 -11.01 -14.71 -6.76
N PRO A 101 -10.32 -14.15 -7.74
CA PRO A 101 -8.87 -13.89 -7.57
C PRO A 101 -8.62 -13.09 -6.29
N LEU A 102 -7.57 -13.46 -5.58
CA LEU A 102 -7.28 -12.76 -4.34
C LEU A 102 -7.06 -11.28 -4.62
N GLY A 103 -7.58 -10.43 -3.73
CA GLY A 103 -7.58 -9.00 -3.88
C GLY A 103 -8.83 -8.41 -4.50
N THR A 104 -9.66 -9.24 -5.15
CA THR A 104 -10.87 -8.72 -5.79
C THR A 104 -11.66 -7.90 -4.77
N PRO A 105 -12.23 -6.76 -5.15
CA PRO A 105 -13.10 -6.01 -4.21
C PRO A 105 -14.20 -6.89 -3.63
N ASP A 106 -14.57 -6.59 -2.39
CA ASP A 106 -15.58 -7.38 -1.67
C ASP A 106 -16.84 -6.61 -1.36
N PHE A 107 -17.15 -5.56 -2.12
CA PHE A 107 -18.33 -4.75 -1.87
C PHE A 107 -18.91 -4.21 -3.18
N SER A 108 -20.20 -3.91 -3.11
CA SER A 108 -20.93 -3.28 -4.20
C SER A 108 -20.62 -1.78 -4.25
N GLY A 109 -20.26 -1.31 -5.45
CA GLY A 109 -20.07 0.11 -5.65
C GLY A 109 -19.37 0.37 -6.97
N GLN A 110 -19.12 1.66 -7.20
CA GLN A 110 -18.38 2.11 -8.38
C GLN A 110 -16.98 2.45 -7.90
N ILE A 111 -16.03 1.54 -8.11
CA ILE A 111 -14.67 1.71 -7.65
C ILE A 111 -13.90 2.54 -8.67
N TYR A 112 -13.37 3.67 -8.25
CA TYR A 112 -12.63 4.61 -9.08
C TYR A 112 -11.13 4.40 -8.92
N GLY A 113 -10.40 4.42 -10.02
CA GLY A 113 -8.96 4.28 -9.94
C GLY A 113 -8.35 4.60 -11.27
N VAL A 114 -7.17 4.06 -11.51
CA VAL A 114 -6.44 4.30 -12.76
C VAL A 114 -6.11 2.96 -13.39
N ILE A 115 -6.44 2.82 -14.68
CA ILE A 115 -5.97 1.74 -15.52
C ILE A 115 -4.69 2.18 -16.21
N SER A 116 -3.65 1.36 -16.12
CA SER A 116 -2.41 1.64 -16.82
C SER A 116 -1.99 0.43 -17.65
N GLN A 117 -1.25 0.68 -18.72
CA GLN A 117 -0.82 -0.34 -19.64
C GLN A 117 0.64 -0.11 -19.99
N ARG A 118 1.38 -1.20 -20.04
CA ARG A 118 2.76 -1.21 -20.58
C ARG A 118 2.78 -2.29 -21.64
N ASN A 119 3.04 -1.91 -22.88
CA ASN A 119 2.88 -2.85 -23.98
C ASN A 119 3.90 -3.97 -23.93
N THR A 120 3.52 -5.14 -24.47
CA THR A 120 4.42 -6.28 -24.51
C THR A 120 5.50 -6.10 -25.58
N ASN A 121 5.11 -5.57 -26.73
CA ASN A 121 6.00 -5.41 -27.85
C ASN A 121 6.80 -4.13 -27.68
N THR A 122 8.08 -4.21 -28.02
CA THR A 122 8.96 -3.04 -27.91
C THR A 122 9.29 -2.53 -29.31
N VAL A 123 9.74 -1.29 -29.35
CA VAL A 123 10.04 -0.55 -30.57
C VAL A 123 11.56 -0.40 -30.65
N PRO A 124 12.24 -1.00 -31.62
CA PRO A 124 13.70 -0.83 -31.70
C PRO A 124 14.13 0.62 -31.73
N GLY A 125 13.37 1.47 -32.42
CA GLY A 125 13.72 2.89 -32.52
C GLY A 125 13.57 3.66 -31.24
N GLU A 126 12.83 3.13 -30.27
CA GLU A 126 12.66 3.77 -28.96
C GLU A 126 13.62 3.20 -27.91
N GLY A 127 14.75 2.64 -28.35
CA GLY A 127 15.64 1.96 -27.44
C GLY A 127 15.19 0.58 -27.03
N ASN A 128 14.35 -0.06 -27.84
CA ASN A 128 13.76 -1.36 -27.50
C ASN A 128 12.88 -1.23 -26.25
N LEU A 129 12.05 -0.19 -26.23
CA LEU A 129 11.20 0.08 -25.07
C LEU A 129 9.74 0.09 -25.46
N PRO A 130 8.86 -0.23 -24.53
CA PRO A 130 7.42 -0.29 -24.83
C PRO A 130 6.69 1.03 -24.64
N ALA A 131 5.60 1.17 -25.37
CA ALA A 131 4.69 2.29 -25.19
C ALA A 131 3.74 2.07 -24.01
N ASN A 132 3.29 3.17 -23.43
CA ASN A 132 2.50 3.15 -22.19
C ASN A 132 1.32 4.12 -22.28
N ARG A 133 0.27 3.84 -21.50
CA ARG A 133 -0.76 4.84 -21.28
C ARG A 133 -1.49 4.53 -19.97
N ALA A 134 -2.08 5.54 -19.36
CA ALA A 134 -2.92 5.40 -18.17
C ALA A 134 -4.06 6.38 -18.25
N HIS A 135 -5.24 5.98 -17.72
CA HIS A 135 -6.43 6.82 -17.66
C HIS A 135 -7.25 6.45 -16.44
N GLU A 136 -8.00 7.42 -15.96
CA GLU A 136 -8.96 7.14 -14.91
C GLU A 136 -9.99 6.11 -15.38
N ALA A 137 -10.45 5.29 -14.45
CA ALA A 137 -11.38 4.22 -14.79
C ALA A 137 -12.29 3.94 -13.60
N VAL A 138 -13.44 3.34 -13.90
CA VAL A 138 -14.44 2.96 -12.91
C VAL A 138 -14.83 1.52 -13.15
N ILE A 139 -14.85 0.74 -12.07
CA ILE A 139 -15.32 -0.64 -12.10
C ILE A 139 -16.57 -0.71 -11.25
N ALA A 140 -17.71 -1.03 -11.87
CA ALA A 140 -18.96 -1.18 -11.14
C ALA A 140 -19.08 -2.64 -10.73
N THR A 141 -18.90 -2.90 -9.43
CA THR A 141 -18.79 -4.27 -8.98
C THR A 141 -20.16 -4.97 -8.92
N TYR A 142 -21.24 -4.22 -8.99
CA TYR A 142 -22.59 -4.77 -9.03
C TYR A 142 -23.05 -5.10 -10.44
N SER A 143 -22.24 -4.78 -11.45
CA SER A 143 -22.64 -4.98 -12.84
C SER A 143 -22.66 -6.46 -13.19
N PRO A 144 -23.58 -6.89 -14.07
CA PRO A 144 -23.51 -8.28 -14.57
C PRO A 144 -22.25 -8.59 -15.37
N LYS A 145 -21.47 -7.59 -15.75
CA LYS A 145 -20.21 -7.79 -16.45
C LYS A 145 -19.03 -7.91 -15.48
N PHE A 146 -19.27 -7.76 -14.18
CA PHE A 146 -18.25 -7.97 -13.16
C PHE A 146 -18.23 -9.46 -12.81
N THR A 147 -17.41 -10.21 -13.52
CA THR A 147 -17.32 -11.66 -13.32
C THR A 147 -15.88 -12.11 -13.09
N PRO A 148 -15.22 -11.57 -12.06
CA PRO A 148 -13.82 -11.95 -11.82
C PRO A 148 -13.58 -13.44 -11.62
N LYS A 149 -14.54 -14.16 -11.02
CA LYS A 149 -14.37 -15.60 -10.82
C LYS A 149 -14.37 -16.35 -12.16
N LEU A 150 -14.95 -15.78 -13.20
CA LEU A 150 -14.85 -16.31 -14.55
C LEU A 150 -13.65 -15.76 -15.30
N GLY A 151 -12.87 -14.89 -14.67
CA GLY A 151 -11.67 -14.39 -15.29
C GLY A 151 -11.83 -13.18 -16.15
N ASN A 152 -12.89 -12.42 -16.00
CA ASN A 152 -12.99 -11.16 -16.74
C ASN A 152 -13.95 -10.18 -16.10
N ILE A 153 -13.63 -8.90 -16.28
CA ILE A 153 -14.38 -7.80 -15.72
C ILE A 153 -14.44 -6.71 -16.80
N GLN A 154 -15.26 -5.72 -16.57
CA GLN A 154 -15.42 -4.56 -17.42
C GLN A 154 -15.09 -3.30 -16.63
N PHE A 155 -14.47 -2.34 -17.28
CA PHE A 155 -14.28 -1.03 -16.69
C PHE A 155 -14.68 0.05 -17.69
N SER A 156 -15.03 1.22 -17.17
CA SER A 156 -15.35 2.37 -18.00
C SER A 156 -14.33 3.47 -17.79
N THR A 157 -14.14 4.27 -18.84
CA THR A 157 -13.22 5.38 -18.84
C THR A 157 -13.94 6.62 -19.35
N TRP A 158 -13.44 7.79 -18.93
CA TRP A 158 -13.80 9.03 -19.60
C TRP A 158 -13.09 9.13 -20.94
N GLU A 159 -11.83 8.72 -21.00
CA GLU A 159 -11.09 8.63 -22.25
C GLU A 159 -11.86 7.76 -23.26
N THR A 160 -11.94 8.22 -24.50
CA THR A 160 -12.80 7.56 -25.46
C THR A 160 -12.10 6.60 -26.40
N GLN A 161 -10.76 6.65 -26.49
CA GLN A 161 -10.09 5.81 -27.48
C GLN A 161 -8.73 5.26 -27.04
N ASP A 162 -7.99 5.91 -26.16
CA ASP A 162 -6.57 5.58 -25.91
C ASP A 162 -6.39 4.48 -24.85
N VAL A 163 -7.06 3.34 -25.06
CA VAL A 163 -6.86 2.11 -24.31
C VAL A 163 -6.59 1.03 -25.37
N SER A 164 -5.51 0.29 -25.20
CA SER A 164 -5.03 -0.63 -26.24
C SER A 164 -5.51 -2.05 -26.01
N SER A 165 -5.99 -2.69 -27.06
CA SER A 165 -6.39 -4.09 -26.95
C SER A 165 -5.18 -5.00 -26.91
N GLY A 166 -5.27 -6.08 -26.13
CA GLY A 166 -4.26 -7.10 -26.08
C GLY A 166 -3.04 -6.80 -25.25
N GLN A 167 -3.07 -5.71 -24.48
CA GLN A 167 -1.87 -5.27 -23.78
C GLN A 167 -2.01 -5.41 -22.26
N PRO A 168 -0.91 -5.75 -21.58
CA PRO A 168 -0.94 -5.89 -20.12
C PRO A 168 -1.47 -4.64 -19.44
N THR A 169 -2.39 -4.84 -18.50
CA THR A 169 -3.20 -3.81 -17.89
C THR A 169 -3.23 -4.00 -16.38
N LYS A 170 -3.11 -2.89 -15.66
CA LYS A 170 -3.11 -2.87 -14.20
C LYS A 170 -4.21 -1.90 -13.77
N PHE A 171 -5.01 -2.28 -12.75
CA PHE A 171 -5.93 -1.33 -12.13
C PHE A 171 -5.44 -0.97 -10.73
N THR A 172 -5.16 0.34 -10.50
CA THR A 172 -4.75 0.89 -9.20
C THR A 172 -5.96 1.58 -8.60
N PRO A 173 -6.52 1.06 -7.52
CA PRO A 173 -7.68 1.71 -6.91
C PRO A 173 -7.33 3.00 -6.23
N VAL A 174 -8.28 3.95 -6.24
CA VAL A 174 -8.08 5.23 -5.58
C VAL A 174 -9.23 5.56 -4.65
N GLY A 175 -10.46 5.28 -5.05
CA GLY A 175 -11.59 5.63 -4.24
C GLY A 175 -12.89 5.12 -4.84
N LEU A 176 -13.99 5.86 -4.64
CA LEU A 176 -15.26 5.56 -5.28
C LEU A 176 -15.61 6.65 -6.29
N ALA A 177 -16.36 6.28 -7.32
CA ALA A 177 -16.76 7.29 -8.30
C ALA A 177 -17.87 8.18 -7.80
N SER A 178 -18.76 7.61 -6.99
CA SER A 178 -19.98 8.26 -6.56
C SER A 178 -20.54 7.42 -5.42
N VAL A 179 -21.37 8.05 -4.58
CA VAL A 179 -22.21 7.30 -3.64
C VAL A 179 -23.67 7.76 -3.77
N ASP A 180 -24.04 8.31 -4.92
CA ASP A 180 -25.46 8.58 -5.15
C ASP A 180 -26.24 7.26 -5.16
N ALA A 181 -27.56 7.36 -4.97
CA ALA A 181 -28.39 6.16 -5.00
C ALA A 181 -28.12 5.28 -6.21
N ASN A 182 -27.98 5.88 -7.39
CA ASN A 182 -27.79 5.11 -8.61
C ASN A 182 -26.41 4.48 -8.72
N SER A 183 -25.53 4.68 -7.74
CA SER A 183 -24.19 4.09 -7.79
C SER A 183 -24.05 2.88 -6.88
N HIS A 184 -25.09 2.53 -6.13
CA HIS A 184 -25.18 1.24 -5.45
C HIS A 184 -23.99 0.95 -4.54
N PHE A 185 -23.56 1.94 -3.78
CA PHE A 185 -22.51 1.71 -2.79
C PHE A 185 -23.12 1.07 -1.57
N ASP A 186 -22.68 -0.15 -1.26
CA ASP A 186 -23.06 -0.82 -0.02
C ASP A 186 -21.91 -1.72 0.39
N GLN A 187 -21.22 -1.30 1.46
CA GLN A 187 -19.99 -1.99 1.86
C GLN A 187 -20.21 -3.41 2.34
N TRP A 188 -21.44 -3.78 2.73
CA TRP A 188 -21.70 -5.14 3.20
C TRP A 188 -22.40 -5.99 2.15
N THR A 189 -22.68 -5.48 0.96
CA THR A 189 -23.23 -6.29 -0.12
C THR A 189 -22.09 -6.83 -0.97
N LEU A 190 -21.96 -8.15 -1.03
CA LEU A 190 -20.90 -8.76 -1.82
C LEU A 190 -21.23 -8.67 -3.30
N PRO A 191 -20.22 -8.50 -4.16
CA PRO A 191 -20.46 -8.69 -5.59
C PRO A 191 -20.87 -10.13 -5.85
N SER A 192 -21.48 -10.36 -7.00
CA SER A 192 -21.70 -11.70 -7.54
C SER A 192 -20.48 -12.03 -8.38
N TYR A 193 -19.57 -12.80 -7.82
CA TYR A 193 -18.26 -12.94 -8.44
C TYR A 193 -18.31 -13.67 -9.77
N SER A 194 -19.33 -14.51 -10.00
CA SER A 194 -19.46 -15.20 -11.27
C SER A 194 -20.59 -14.67 -12.12
N GLY A 195 -21.19 -13.56 -11.74
CA GLY A 195 -22.22 -12.94 -12.54
C GLY A 195 -23.58 -13.00 -11.86
N ALA A 196 -24.53 -12.31 -12.49
CA ALA A 196 -25.86 -12.24 -11.93
C ALA A 196 -26.46 -13.64 -11.82
N LEU A 197 -27.14 -13.88 -10.73
CA LEU A 197 -27.92 -15.09 -10.50
C LEU A 197 -27.05 -16.29 -10.14
N THR A 198 -25.75 -16.16 -10.03
CA THR A 198 -24.94 -17.25 -9.52
C THR A 198 -24.67 -17.08 -8.03
N LEU A 199 -24.47 -18.21 -7.36
CA LEU A 199 -24.17 -18.23 -5.95
C LEU A 199 -22.65 -18.12 -5.75
N ASN A 200 -22.25 -17.18 -4.89
CA ASN A 200 -20.84 -17.10 -4.52
C ASN A 200 -20.47 -18.32 -3.69
N MET A 201 -19.21 -18.75 -3.80
CA MET A 201 -18.74 -19.93 -3.11
C MET A 201 -17.41 -19.65 -2.42
N ASN A 202 -17.07 -20.52 -1.48
CA ASN A 202 -15.77 -20.50 -0.82
C ASN A 202 -15.59 -19.25 0.05
N LEU A 203 -16.70 -18.70 0.53
CA LEU A 203 -16.67 -17.45 1.27
C LEU A 203 -16.12 -17.60 2.68
N ALA A 204 -15.40 -16.59 3.14
CA ALA A 204 -15.17 -16.47 4.56
C ALA A 204 -16.52 -16.29 5.27
N PRO A 205 -16.65 -16.82 6.48
CA PRO A 205 -17.97 -16.82 7.17
C PRO A 205 -18.39 -15.42 7.60
N SER A 206 -19.70 -15.26 7.80
CA SER A 206 -20.19 -14.03 8.41
C SER A 206 -19.70 -13.95 9.86
N VAL A 207 -19.67 -12.73 10.40
CA VAL A 207 -19.23 -12.47 11.77
C VAL A 207 -20.31 -11.71 12.54
N ALA A 208 -20.37 -11.95 13.84
CA ALA A 208 -21.37 -11.29 14.66
C ALA A 208 -21.07 -11.49 16.14
N PRO A 209 -21.51 -10.58 17.00
CA PRO A 209 -21.40 -10.84 18.44
C PRO A 209 -22.36 -11.95 18.84
N VAL A 210 -21.98 -12.69 19.87
CA VAL A 210 -22.82 -13.72 20.45
C VAL A 210 -23.47 -13.26 21.74
N PHE A 211 -22.71 -12.58 22.55
CA PHE A 211 -23.09 -12.11 23.88
C PHE A 211 -24.01 -10.90 23.74
N PRO A 212 -25.11 -10.84 24.50
CA PRO A 212 -25.94 -9.63 24.47
C PRO A 212 -25.17 -8.46 25.06
N GLY A 213 -25.46 -7.27 24.55
CA GLY A 213 -24.73 -6.09 24.92
C GLY A 213 -23.45 -5.87 24.13
N GLU A 214 -23.01 -6.83 23.34
CA GLU A 214 -21.79 -6.67 22.55
C GLU A 214 -22.13 -6.32 21.11
N CYS A 215 -21.19 -5.60 20.48
CA CYS A 215 -21.31 -5.21 19.08
C CYS A 215 -19.94 -5.38 18.44
N LEU A 216 -19.93 -5.49 17.10
CA LEU A 216 -18.68 -5.51 16.36
C LEU A 216 -17.92 -4.19 16.53
N LEU A 217 -16.59 -4.28 16.54
CA LEU A 217 -15.73 -3.13 16.54
C LEU A 217 -14.93 -3.14 15.24
N PHE A 218 -14.98 -2.03 14.52
CA PHE A 218 -14.37 -1.92 13.20
C PHE A 218 -13.22 -0.94 13.19
N PHE A 219 -12.26 -1.17 12.29
CA PHE A 219 -11.24 -0.20 11.94
C PHE A 219 -11.74 0.53 10.68
N ARG A 220 -12.07 1.81 10.83
CA ARG A 220 -12.76 2.59 9.80
C ARG A 220 -11.79 3.50 9.06
N SER A 221 -11.94 3.53 7.73
CA SER A 221 -11.27 4.52 6.91
C SER A 221 -12.24 5.24 6.01
N PHE A 222 -11.98 6.53 5.78
CA PHE A 222 -12.77 7.32 4.84
C PHE A 222 -12.16 7.23 3.46
N ILE A 223 -13.02 7.00 2.47
CA ILE A 223 -12.60 6.65 1.12
C ILE A 223 -12.82 7.85 0.20
N PRO A 224 -11.86 8.21 -0.64
CA PRO A 224 -12.04 9.37 -1.53
C PRO A 224 -13.17 9.18 -2.53
N LEU A 225 -13.66 10.32 -3.03
CA LEU A 225 -14.70 10.36 -4.05
C LEU A 225 -14.28 11.18 -5.27
N LYS A 226 -14.55 10.65 -6.45
CA LYS A 226 -14.32 11.37 -7.69
C LYS A 226 -15.23 12.59 -7.82
N GLY A 227 -16.46 12.49 -7.29
CA GLY A 227 -17.35 13.63 -7.30
C GLY A 227 -18.59 13.34 -6.49
N GLY A 228 -19.44 14.35 -6.41
CA GLY A 228 -20.67 14.24 -5.69
C GLY A 228 -20.53 14.51 -4.21
N TYR A 229 -21.66 14.48 -3.51
CA TYR A 229 -21.69 14.67 -2.08
C TYR A 229 -21.50 13.34 -1.38
N GLY A 230 -20.88 13.39 -0.21
CA GLY A 230 -20.77 12.21 0.61
C GLY A 230 -19.51 12.20 1.45
N ASN A 231 -19.52 11.35 2.47
CA ASN A 231 -18.34 11.08 3.30
C ASN A 231 -18.25 9.58 3.52
N PRO A 232 -18.09 8.81 2.43
CA PRO A 232 -18.13 7.36 2.55
C PRO A 232 -16.96 6.80 3.33
N ALA A 233 -17.21 5.68 3.99
CA ALA A 233 -16.23 4.96 4.78
C ALA A 233 -16.26 3.47 4.45
N ILE A 234 -15.12 2.83 4.73
CA ILE A 234 -14.97 1.38 4.62
C ILE A 234 -14.47 0.88 5.96
N ASP A 235 -15.19 -0.11 6.51
CA ASP A 235 -14.90 -0.69 7.81
C ASP A 235 -14.28 -2.08 7.63
N CYS A 236 -13.09 -2.29 8.20
CA CYS A 236 -12.51 -3.63 8.15
C CYS A 236 -12.48 -4.24 9.56
N LEU A 237 -12.39 -5.57 9.57
CA LEU A 237 -12.45 -6.29 10.84
C LEU A 237 -11.11 -6.30 11.54
N MET A 238 -10.03 -6.29 10.76
CA MET A 238 -8.68 -6.21 11.29
C MET A 238 -7.87 -5.47 10.23
N PRO A 239 -6.91 -4.66 10.65
CA PRO A 239 -6.07 -3.97 9.68
C PRO A 239 -5.14 -4.94 8.94
N GLN A 240 -4.61 -4.47 7.80
CA GLN A 240 -3.78 -5.33 6.97
C GLN A 240 -2.53 -5.77 7.71
N GLU A 241 -1.99 -4.92 8.59
CA GLU A 241 -0.81 -5.34 9.35
C GLU A 241 -1.12 -6.47 10.31
N TRP A 242 -2.35 -6.55 10.81
CA TRP A 242 -2.70 -7.70 11.64
C TRP A 242 -2.79 -8.97 10.81
N VAL A 243 -3.38 -8.90 9.60
CA VAL A 243 -3.37 -10.05 8.71
C VAL A 243 -1.95 -10.52 8.49
N GLN A 244 -1.05 -9.58 8.19
CA GLN A 244 0.33 -9.93 7.91
C GLN A 244 1.00 -10.58 9.12
N HIS A 245 0.77 -10.03 10.31
CA HIS A 245 1.39 -10.56 11.53
C HIS A 245 0.85 -11.96 11.85
N LEU A 246 -0.47 -12.10 11.86
CA LEU A 246 -1.05 -13.40 12.18
C LEU A 246 -0.57 -14.47 11.23
N TYR A 247 -0.53 -14.14 9.93
CA TYR A 247 -0.04 -15.08 8.94
C TYR A 247 1.37 -15.55 9.27
N GLN A 248 2.24 -14.61 9.64
CA GLN A 248 3.64 -14.93 9.93
C GLN A 248 3.74 -15.83 11.15
N GLU A 249 3.09 -15.41 12.24
CA GLU A 249 3.27 -16.07 13.53
C GLU A 249 2.64 -17.45 13.56
N SER A 250 1.43 -17.58 13.03
CA SER A 250 0.70 -18.83 13.05
C SER A 250 0.67 -19.43 14.47
N ALA A 251 0.36 -18.60 15.43
CA ALA A 251 0.33 -19.07 16.82
C ALA A 251 -0.94 -19.87 17.06
N PRO A 252 -0.87 -21.03 17.70
CA PRO A 252 -2.11 -21.79 17.94
C PRO A 252 -3.07 -20.99 18.81
N SER A 253 -4.36 -21.13 18.51
CA SER A 253 -5.42 -20.47 19.27
C SER A 253 -5.82 -21.39 20.42
N LEU A 254 -5.66 -20.90 21.66
CA LEU A 254 -5.87 -21.74 22.84
C LEU A 254 -7.28 -21.67 23.39
N SER A 255 -8.11 -20.77 22.86
CA SER A 255 -9.57 -20.79 23.06
C SER A 255 -10.21 -20.11 21.86
N ASP A 256 -11.53 -19.93 21.90
CA ASP A 256 -12.24 -19.29 20.79
C ASP A 256 -12.19 -17.77 20.88
N VAL A 257 -11.68 -17.20 21.96
CA VAL A 257 -11.72 -15.76 22.19
C VAL A 257 -10.50 -15.32 22.97
N ALA A 258 -9.78 -14.33 22.43
CA ALA A 258 -8.68 -13.70 23.14
C ALA A 258 -9.15 -12.38 23.72
N LEU A 259 -8.83 -12.14 24.98
CA LEU A 259 -9.08 -10.85 25.60
C LEU A 259 -7.95 -9.91 25.24
N VAL A 260 -8.30 -8.76 24.69
CA VAL A 260 -7.33 -7.72 24.34
C VAL A 260 -7.71 -6.45 25.06
N ARG A 261 -6.70 -5.64 25.36
CA ARG A 261 -6.87 -4.36 26.01
C ARG A 261 -6.32 -3.28 25.08
N TYR A 262 -7.10 -2.22 24.89
CA TYR A 262 -6.62 -1.04 24.20
C TYR A 262 -5.95 -0.13 25.22
N VAL A 263 -4.66 0.11 25.03
CA VAL A 263 -3.81 0.72 26.04
C VAL A 263 -3.23 2.02 25.53
N ASN A 264 -3.18 3.01 26.41
CA ASN A 264 -2.40 4.22 26.17
C ASN A 264 -1.01 3.97 26.76
N PRO A 265 0.04 3.85 25.95
CA PRO A 265 1.35 3.53 26.51
C PRO A 265 1.92 4.63 27.40
N GLU A 266 1.61 5.90 27.12
CA GLU A 266 2.07 6.98 28.00
C GLU A 266 1.70 6.70 29.45
N THR A 267 0.41 6.49 29.73
CA THR A 267 -0.01 6.20 31.10
C THR A 267 0.00 4.72 31.43
N GLY A 268 0.10 3.84 30.43
CA GLY A 268 -0.06 2.43 30.67
C GLY A 268 -1.45 2.02 31.11
N ARG A 269 -2.38 2.97 31.16
CA ARG A 269 -3.74 2.66 31.55
C ARG A 269 -4.52 2.06 30.38
N THR A 270 -5.41 1.12 30.71
CA THR A 270 -6.30 0.53 29.73
C THR A 270 -7.48 1.47 29.49
N LEU A 271 -7.73 1.76 28.21
CA LEU A 271 -8.87 2.62 27.84
C LEU A 271 -10.16 1.81 27.74
N PHE A 272 -10.07 0.59 27.22
CA PHE A 272 -11.22 -0.31 27.17
C PHE A 272 -10.68 -1.69 26.81
N GLU A 273 -11.55 -2.68 26.90
CA GLU A 273 -11.18 -4.06 26.58
C GLU A 273 -12.15 -4.60 25.54
N ALA A 274 -11.70 -5.62 24.83
CA ALA A 274 -12.45 -6.18 23.74
C ALA A 274 -12.15 -7.67 23.64
N LYS A 275 -13.05 -8.38 22.97
CA LYS A 275 -12.84 -9.77 22.62
C LYS A 275 -12.33 -9.82 21.19
N LEU A 276 -11.25 -10.56 20.97
CA LEU A 276 -10.73 -10.85 19.64
C LEU A 276 -11.06 -12.32 19.37
N HIS A 277 -12.01 -12.56 18.47
CA HIS A 277 -12.54 -13.88 18.21
C HIS A 277 -11.68 -14.67 17.24
N ARG A 278 -11.74 -16.00 17.38
CA ARG A 278 -10.88 -16.93 16.64
C ARG A 278 -10.92 -16.67 15.14
N ASN A 279 -12.07 -16.35 14.61
CA ASN A 279 -12.20 -16.19 13.16
C ASN A 279 -11.63 -14.87 12.66
N GLY A 280 -11.24 -13.98 13.54
CA GLY A 280 -10.53 -12.76 13.19
C GLY A 280 -11.38 -11.50 13.21
N PHE A 281 -12.03 -11.19 14.34
CA PHE A 281 -12.82 -9.97 14.46
C PHE A 281 -12.96 -9.61 15.92
N LEU A 282 -13.35 -8.36 16.17
CA LEU A 282 -13.42 -7.82 17.52
C LEU A 282 -14.85 -7.52 17.91
N THR A 283 -15.17 -7.72 19.19
CA THR A 283 -16.40 -7.18 19.74
C THR A 283 -16.12 -6.43 21.03
N VAL A 284 -17.01 -5.49 21.35
CA VAL A 284 -16.91 -4.67 22.55
C VAL A 284 -18.28 -4.57 23.19
N ALA A 285 -18.28 -4.18 24.47
CA ALA A 285 -19.53 -3.94 25.21
C ALA A 285 -19.84 -2.47 25.09
N ARG A 286 -20.66 -2.11 24.10
CA ARG A 286 -20.99 -0.73 23.81
C ARG A 286 -22.41 -0.68 23.25
N ASN A 287 -23.18 0.32 23.68
CA ASN A 287 -24.58 0.41 23.23
C ASN A 287 -24.82 1.61 22.32
N SER A 288 -23.77 2.16 21.72
CA SER A 288 -23.90 3.30 20.83
C SER A 288 -23.15 3.03 19.53
N ALA A 289 -23.56 3.77 18.50
CA ALA A 289 -22.91 3.78 17.21
C ALA A 289 -22.04 5.02 17.13
N GLY A 290 -20.98 4.92 16.34
CA GLY A 290 -20.14 6.04 16.06
C GLY A 290 -18.68 5.79 16.37
N PRO A 291 -17.85 6.82 16.22
CA PRO A 291 -16.41 6.64 16.47
C PRO A 291 -16.12 6.39 17.93
N VAL A 292 -15.01 5.71 18.16
CA VAL A 292 -14.40 5.60 19.48
C VAL A 292 -13.38 6.72 19.61
N VAL A 293 -13.59 7.63 20.56
CA VAL A 293 -12.75 8.81 20.70
C VAL A 293 -11.63 8.43 21.66
N ALA A 294 -10.44 8.20 21.11
CA ALA A 294 -9.28 7.83 21.87
C ALA A 294 -8.05 8.28 21.11
N PRO A 295 -6.90 8.35 21.76
CA PRO A 295 -5.66 8.73 21.05
C PRO A 295 -5.33 7.76 19.92
N THR A 296 -4.77 8.33 18.84
CA THR A 296 -4.28 7.49 17.75
C THR A 296 -2.91 6.87 18.04
N ASN A 297 -2.35 7.13 19.21
CA ASN A 297 -1.19 6.41 19.74
C ASN A 297 -1.57 5.24 20.65
N GLY A 298 -2.86 4.95 20.82
CA GLY A 298 -3.25 3.76 21.53
C GLY A 298 -3.08 2.51 20.69
N TYR A 299 -3.05 1.36 21.35
CA TYR A 299 -2.93 0.11 20.61
C TYR A 299 -3.47 -1.04 21.45
N PHE A 300 -3.85 -2.11 20.76
CA PHE A 300 -4.34 -3.31 21.42
C PHE A 300 -3.20 -4.20 21.86
N ARG A 301 -3.32 -4.73 23.08
CA ARG A 301 -2.36 -5.65 23.67
C ARG A 301 -3.11 -6.93 24.03
N PHE A 302 -2.56 -8.07 23.62
CA PHE A 302 -3.10 -9.34 24.05
C PHE A 302 -2.91 -9.50 25.56
N ASP A 303 -3.98 -9.89 26.25
CA ASP A 303 -3.93 -10.10 27.69
C ASP A 303 -4.00 -11.58 28.05
N SER A 304 -4.99 -12.31 27.54
CA SER A 304 -5.14 -13.72 27.88
C SER A 304 -6.25 -14.33 27.02
N TRP A 305 -6.21 -15.66 26.88
CA TRP A 305 -7.30 -16.40 26.28
C TRP A 305 -8.40 -16.56 27.32
N VAL A 306 -9.65 -16.39 26.90
CA VAL A 306 -10.80 -16.52 27.79
C VAL A 306 -11.82 -17.45 27.15
N ASN A 307 -12.90 -17.71 27.87
CA ASN A 307 -13.89 -18.67 27.42
C ASN A 307 -15.18 -17.94 27.05
N GLN A 308 -16.19 -18.74 26.70
CA GLN A 308 -17.45 -18.22 26.19
C GLN A 308 -18.25 -17.46 27.24
N PHE A 309 -17.84 -17.49 28.51
CA PHE A 309 -18.62 -16.88 29.57
C PHE A 309 -18.09 -15.53 30.03
N TYR A 310 -17.04 -15.01 29.40
CA TYR A 310 -16.42 -13.76 29.86
C TYR A 310 -17.33 -12.57 29.55
N THR A 311 -17.51 -11.70 30.54
CA THR A 311 -18.28 -10.47 30.38
C THR A 311 -17.30 -9.30 30.32
N LEU A 312 -17.35 -8.55 29.22
CA LEU A 312 -16.44 -7.43 29.07
C LEU A 312 -16.91 -6.23 29.87
N ALA A 313 -15.95 -5.47 30.37
CA ALA A 313 -16.25 -4.18 30.98
C ALA A 313 -16.85 -3.24 29.93
N PRO A 314 -17.98 -2.61 30.20
CA PRO A 314 -18.53 -1.64 29.25
C PRO A 314 -17.52 -0.54 28.95
N MET A 315 -17.47 -0.08 27.70
CA MET A 315 -16.51 0.98 27.36
C MET A 315 -16.94 2.29 28.01
N SER B 1 19.41 -11.51 25.04
CA SER B 1 19.53 -10.50 24.00
C SER B 1 18.66 -10.88 22.81
N LYS B 2 17.65 -10.05 22.54
CA LYS B 2 16.59 -10.36 21.58
C LYS B 2 17.17 -10.77 20.23
N PRO B 3 17.01 -12.01 19.82
CA PRO B 3 17.60 -12.43 18.55
C PRO B 3 17.02 -11.67 17.36
N PHE B 4 17.92 -11.37 16.42
CA PHE B 4 17.54 -10.70 15.18
C PHE B 4 16.80 -11.66 14.26
N THR B 5 15.76 -11.15 13.58
CA THR B 5 14.98 -11.94 12.65
C THR B 5 14.50 -11.06 11.51
N LEU B 6 14.21 -11.69 10.40
CA LEU B 6 13.54 -11.06 9.27
C LEU B 6 12.17 -11.72 9.12
N PRO B 7 11.20 -11.04 8.51
CA PRO B 7 9.94 -11.72 8.23
C PRO B 7 10.12 -12.88 7.26
N ILE B 8 9.17 -13.79 7.26
CA ILE B 8 9.17 -14.96 6.38
C ILE B 8 8.16 -14.73 5.27
N LEU B 9 8.22 -13.56 4.67
CA LEU B 9 7.43 -13.24 3.51
C LEU B 9 8.28 -13.48 2.27
N THR B 10 7.70 -14.10 1.25
CA THR B 10 8.42 -14.35 0.00
C THR B 10 8.42 -13.09 -0.89
N LEU B 11 9.20 -13.12 -1.97
CA LEU B 11 9.25 -11.97 -2.86
C LEU B 11 7.87 -11.53 -3.32
N GLY B 12 7.00 -12.49 -3.60
CA GLY B 12 5.66 -12.20 -4.05
C GLY B 12 4.72 -11.76 -2.97
N GLU B 13 5.25 -11.64 -1.76
CA GLU B 13 4.48 -11.15 -0.60
C GLU B 13 5.10 -9.87 -0.02
N LEU B 14 5.93 -9.19 -0.80
CA LEU B 14 6.63 -7.97 -0.36
C LEU B 14 6.26 -6.79 -1.24
N THR B 15 6.32 -5.60 -0.65
CA THR B 15 6.07 -4.36 -1.36
C THR B 15 7.25 -3.38 -1.23
N ASN B 16 7.32 -2.50 -2.20
CA ASN B 16 8.40 -1.52 -2.27
C ASN B 16 8.19 -0.44 -1.21
N SER B 17 9.30 0.01 -0.64
CA SER B 17 9.26 1.04 0.38
C SER B 17 9.43 2.45 -0.16
N ARG B 18 9.65 2.61 -1.47
CA ARG B 18 9.88 3.91 -2.09
C ARG B 18 8.75 4.32 -3.03
N PHE B 19 7.81 3.42 -3.32
CA PHE B 19 6.64 3.71 -4.13
C PHE B 19 5.64 2.58 -3.89
N PRO B 20 4.34 2.85 -3.93
CA PRO B 20 3.35 1.79 -3.61
C PRO B 20 3.18 0.76 -4.73
N LEU B 21 4.09 -0.20 -4.78
CA LEU B 21 4.19 -1.21 -5.81
C LEU B 21 4.60 -2.52 -5.18
N PRO B 22 4.17 -3.65 -5.75
CA PRO B 22 4.72 -4.93 -5.30
C PRO B 22 6.18 -5.03 -5.74
N ILE B 23 6.96 -5.83 -5.00
CA ILE B 23 8.30 -6.19 -5.46
C ILE B 23 8.19 -7.17 -6.61
N ASP B 24 8.85 -6.88 -7.71
CA ASP B 24 8.84 -7.72 -8.90
C ASP B 24 10.04 -8.65 -8.99
N VAL B 25 11.26 -8.17 -8.71
CA VAL B 25 12.47 -8.97 -8.89
C VAL B 25 13.52 -8.43 -7.96
N LEU B 26 14.51 -9.26 -7.62
CA LEU B 26 15.73 -8.76 -7.03
C LEU B 26 16.67 -8.33 -8.16
N TYR B 27 17.54 -7.36 -7.89
CA TYR B 27 18.26 -6.71 -8.99
C TYR B 27 19.59 -6.17 -8.53
N THR B 28 20.62 -6.28 -9.39
CA THR B 28 21.89 -5.62 -9.17
C THR B 28 22.30 -4.73 -10.34
N ASN B 29 23.16 -3.76 -10.05
CA ASN B 29 23.77 -2.93 -11.08
C ASN B 29 25.11 -2.43 -10.58
N PRO B 30 26.15 -3.26 -10.70
CA PRO B 30 27.46 -2.88 -10.13
C PRO B 30 28.07 -1.63 -10.72
N ASN B 31 27.73 -1.27 -11.95
CA ASN B 31 28.37 -0.12 -12.60
C ASN B 31 27.61 1.18 -12.42
N GLU B 32 26.63 1.20 -11.53
CA GLU B 32 25.93 2.45 -11.19
C GLU B 32 26.92 3.52 -10.76
N SER B 33 26.80 4.71 -11.37
CA SER B 33 27.69 5.81 -11.04
C SER B 33 27.12 6.77 -10.00
N ALA B 34 25.82 6.71 -9.72
CA ALA B 34 25.23 7.64 -8.76
C ALA B 34 25.49 7.21 -7.34
N ILE B 35 25.51 8.19 -6.44
CA ILE B 35 25.49 7.92 -5.01
C ILE B 35 24.10 7.45 -4.64
N VAL B 36 24.02 6.33 -3.94
CA VAL B 36 22.74 5.76 -3.52
C VAL B 36 22.43 6.28 -2.13
N GLN B 37 21.42 7.16 -2.04
CA GLN B 37 21.11 7.83 -0.79
C GLN B 37 19.61 8.07 -0.69
N CYS B 38 18.81 7.06 -1.00
CA CYS B 38 17.35 7.23 -0.90
C CYS B 38 16.94 7.48 0.55
N GLN B 39 15.77 8.09 0.71
CA GLN B 39 15.30 8.56 2.00
C GLN B 39 14.04 7.85 2.49
N ASN B 40 13.32 7.14 1.63
CA ASN B 40 12.27 6.22 2.04
C ASN B 40 12.82 4.80 2.02
N GLY B 41 12.20 3.94 2.82
CA GLY B 41 12.68 2.59 3.03
C GLY B 41 14.02 2.55 3.73
N ARG B 42 14.23 3.45 4.68
CA ARG B 42 15.48 3.53 5.44
C ARG B 42 15.18 3.20 6.90
N CYS B 43 15.84 2.14 7.37
CA CYS B 43 15.65 1.68 8.74
C CYS B 43 16.89 0.87 9.11
N THR B 44 17.45 1.17 10.29
CA THR B 44 18.57 0.36 10.76
C THR B 44 18.10 -1.02 11.21
N LEU B 45 19.04 -1.95 11.35
CA LEU B 45 18.64 -3.30 11.74
C LEU B 45 18.08 -3.36 13.16
N ASP B 46 18.39 -2.40 14.02
CA ASP B 46 17.81 -2.36 15.36
C ASP B 46 16.56 -1.50 15.42
N GLY B 47 16.01 -1.11 14.28
CA GLY B 47 14.68 -0.57 14.22
C GLY B 47 14.53 0.93 14.25
N GLU B 48 15.57 1.68 13.92
CA GLU B 48 15.52 3.14 13.86
C GLU B 48 15.19 3.59 12.44
N LEU B 49 14.00 4.18 12.25
CA LEU B 49 13.62 4.75 10.96
C LEU B 49 14.48 5.97 10.68
N GLN B 50 14.88 6.15 9.42
CA GLN B 50 15.72 7.27 9.02
C GLN B 50 15.13 7.96 7.81
N GLY B 51 15.70 9.11 7.47
CA GLY B 51 15.27 9.86 6.31
C GLY B 51 13.83 10.33 6.47
N THR B 52 13.03 10.13 5.43
CA THR B 52 11.62 10.45 5.44
C THR B 52 10.76 9.21 5.64
N THR B 53 11.31 8.14 6.17
CA THR B 53 10.63 6.86 6.21
C THR B 53 9.57 6.85 7.29
N GLN B 54 8.38 6.39 6.93
CA GLN B 54 7.32 6.13 7.87
C GLN B 54 6.74 4.74 7.57
N LEU B 55 5.79 4.32 8.39
CA LEU B 55 5.38 2.91 8.43
C LEU B 55 4.25 2.55 7.48
N LEU B 56 3.43 3.51 7.07
CA LEU B 56 2.22 3.16 6.31
C LEU B 56 2.57 2.91 4.83
N PRO B 57 2.17 1.78 4.27
CA PRO B 57 2.28 1.64 2.81
C PRO B 57 1.53 2.72 2.05
N THR B 58 0.43 3.25 2.61
CA THR B 58 -0.36 4.30 1.98
C THR B 58 0.31 5.68 2.10
N GLY B 59 1.37 5.80 2.88
CA GLY B 59 1.99 7.08 3.06
C GLY B 59 3.18 7.36 2.16
N ILE B 60 3.62 6.32 1.45
CA ILE B 60 4.81 6.44 0.59
C ILE B 60 4.48 7.27 -0.65
N CYS B 61 5.17 8.39 -0.81
CA CYS B 61 4.93 9.35 -1.87
C CYS B 61 3.54 9.98 -1.84
N ALA B 62 2.92 10.00 -0.66
CA ALA B 62 1.64 10.67 -0.43
C ALA B 62 1.85 12.08 0.12
N PHE B 63 0.85 12.93 -0.10
CA PHE B 63 0.79 14.23 0.55
C PHE B 63 -0.62 14.52 1.02
N ARG B 64 -0.72 15.35 2.08
CA ARG B 64 -1.97 15.84 2.60
C ARG B 64 -1.80 17.34 2.76
N GLY B 65 -2.85 18.10 2.50
CA GLY B 65 -2.76 19.53 2.73
C GLY B 65 -3.96 20.26 2.15
N LYS B 66 -3.72 21.51 1.74
CA LYS B 66 -4.77 22.36 1.19
C LYS B 66 -4.21 23.20 0.05
N VAL B 67 -5.05 23.45 -0.94
CA VAL B 67 -4.69 24.27 -2.07
C VAL B 67 -4.91 25.75 -1.76
N THR B 68 -3.96 26.58 -2.22
CA THR B 68 -3.99 28.02 -1.92
C THR B 68 -3.97 28.94 -3.12
N GLN B 69 -3.63 28.45 -4.31
CA GLN B 69 -3.46 29.31 -5.47
C GLN B 69 -3.49 28.49 -6.74
N GLN B 70 -3.97 29.11 -7.81
CA GLN B 70 -4.07 28.54 -9.14
C GLN B 70 -3.23 29.41 -10.08
N VAL B 71 -2.37 28.80 -10.88
CA VAL B 71 -1.58 29.56 -11.85
C VAL B 71 -1.53 28.75 -13.14
N GLN B 72 -1.87 29.39 -14.27
CA GLN B 72 -1.87 28.67 -15.53
C GLN B 72 -0.45 28.52 -16.05
N ASP B 73 -0.16 27.34 -16.62
CA ASP B 73 1.13 27.07 -17.21
C ASP B 73 1.32 27.91 -18.46
N GLU B 74 2.58 28.30 -18.70
CA GLU B 74 2.89 29.04 -19.92
C GLU B 74 2.32 28.34 -21.15
N HIS B 75 2.47 27.01 -21.23
CA HIS B 75 1.96 26.25 -22.36
C HIS B 75 0.65 25.55 -22.02
N ARG B 76 0.71 24.32 -21.54
CA ARG B 76 -0.48 23.53 -21.25
C ARG B 76 -0.51 23.14 -19.78
N GLY B 77 -1.73 23.00 -19.26
CA GLY B 77 -1.91 22.57 -17.89
C GLY B 77 -2.09 23.73 -16.93
N THR B 78 -2.49 23.37 -15.72
CA THR B 78 -2.79 24.32 -14.67
C THR B 78 -2.05 23.87 -13.42
N HIS B 79 -1.42 24.82 -12.75
CA HIS B 79 -0.66 24.53 -11.55
C HIS B 79 -1.38 25.03 -10.34
N TRP B 80 -1.22 24.32 -9.24
CA TRP B 80 -1.91 24.61 -7.99
C TRP B 80 -0.91 24.53 -6.86
N ASN B 81 -0.84 25.57 -6.03
CA ASN B 81 0.03 25.54 -4.86
CA ASN B 81 0.03 25.52 -4.85
C ASN B 81 -0.71 24.87 -3.72
N MET B 82 -0.01 23.99 -3.01
CA MET B 82 -0.58 23.22 -1.93
C MET B 82 0.33 23.31 -0.72
N THR B 83 -0.22 23.82 0.38
CA THR B 83 0.45 23.72 1.66
C THR B 83 0.29 22.30 2.18
N VAL B 84 1.36 21.71 2.65
CA VAL B 84 1.35 20.33 3.10
C VAL B 84 1.52 20.27 4.59
N THR B 85 0.81 19.33 5.22
CA THR B 85 0.92 18.98 6.61
C THR B 85 1.64 17.65 6.75
N ASN B 86 1.80 17.21 7.99
CA ASN B 86 2.16 15.82 8.22
C ASN B 86 1.03 14.95 7.70
N LEU B 87 1.36 13.69 7.36
CA LEU B 87 0.31 12.82 6.83
C LEU B 87 -0.83 12.60 7.83
N ASN B 88 -0.54 12.69 9.14
CA ASN B 88 -1.59 12.56 10.15
C ASN B 88 -2.39 13.83 10.32
N GLY B 89 -2.17 14.85 9.50
CA GLY B 89 -2.97 16.07 9.55
C GLY B 89 -2.46 17.14 10.48
N THR B 90 -1.53 16.82 11.38
CA THR B 90 -0.94 17.86 12.24
C THR B 90 -0.01 18.76 11.42
N PRO B 91 0.21 20.00 11.86
CA PRO B 91 1.06 20.89 11.07
C PRO B 91 2.49 20.35 10.99
N PHE B 92 3.13 20.57 9.85
CA PHE B 92 4.53 20.20 9.69
C PHE B 92 5.41 21.27 10.33
N ASP B 93 6.26 20.84 11.26
CA ASP B 93 7.19 21.72 11.96
C ASP B 93 8.53 21.63 11.25
N PRO B 94 8.95 22.66 10.51
CA PRO B 94 10.24 22.58 9.82
C PRO B 94 11.44 22.42 10.73
N THR B 95 11.30 22.67 12.03
CA THR B 95 12.43 22.55 12.93
C THR B 95 12.71 21.13 13.37
N GLU B 96 11.81 20.18 13.06
CA GLU B 96 12.04 18.79 13.43
C GLU B 96 13.20 18.26 12.59
N ASP B 97 13.93 17.29 13.13
CA ASP B 97 15.13 16.80 12.46
C ASP B 97 14.77 15.71 11.44
N VAL B 98 14.04 16.13 10.42
CA VAL B 98 13.75 15.27 9.27
C VAL B 98 14.03 16.07 8.00
N PRO B 99 14.26 15.40 6.87
CA PRO B 99 14.53 16.14 5.64
C PRO B 99 13.32 16.86 5.09
N ALA B 100 12.11 16.38 5.43
CA ALA B 100 10.86 16.77 4.81
C ALA B 100 9.78 15.98 5.53
N PRO B 101 8.51 16.31 5.32
CA PRO B 101 7.46 15.50 5.92
C PRO B 101 7.65 14.04 5.57
N LEU B 102 7.41 13.16 6.54
CA LEU B 102 7.59 11.74 6.28
C LEU B 102 6.65 11.32 5.15
N GLY B 103 7.16 10.47 4.29
CA GLY B 103 6.46 10.03 3.09
C GLY B 103 6.75 10.82 1.84
N THR B 104 7.36 12.00 1.97
CA THR B 104 7.69 12.78 0.79
C THR B 104 8.50 11.94 -0.20
N PRO B 105 8.24 12.06 -1.50
CA PRO B 105 9.06 11.37 -2.49
C PRO B 105 10.54 11.68 -2.34
N ASP B 106 11.40 10.69 -2.66
CA ASP B 106 12.85 10.79 -2.48
C ASP B 106 13.60 10.74 -3.80
N PHE B 107 12.95 11.11 -4.90
CA PHE B 107 13.61 11.05 -6.19
C PHE B 107 13.08 12.12 -7.09
N SER B 108 13.91 12.46 -8.08
CA SER B 108 13.59 13.42 -9.11
C SER B 108 12.72 12.79 -10.19
N GLY B 109 11.60 13.43 -10.49
CA GLY B 109 10.75 12.95 -11.57
C GLY B 109 9.41 13.63 -11.51
N GLN B 110 8.55 13.25 -12.47
CA GLN B 110 7.18 13.75 -12.56
C GLN B 110 6.31 12.63 -12.02
N ILE B 111 5.83 12.79 -10.78
CA ILE B 111 5.04 11.75 -10.14
C ILE B 111 3.58 11.96 -10.48
N TYR B 112 2.95 10.95 -11.09
CA TYR B 112 1.56 10.96 -11.54
C TYR B 112 0.67 10.28 -10.50
N GLY B 113 -0.45 10.91 -10.22
CA GLY B 113 -1.39 10.31 -9.32
C GLY B 113 -2.73 11.02 -9.37
N VAL B 114 -3.47 10.94 -8.31
CA VAL B 114 -4.78 11.58 -8.23
C VAL B 114 -4.80 12.50 -7.03
N ILE B 115 -5.27 13.71 -7.23
CA ILE B 115 -5.60 14.63 -6.14
C ILE B 115 -7.09 14.49 -5.88
N SER B 116 -7.47 14.31 -4.63
CA SER B 116 -8.87 14.26 -4.23
C SER B 116 -9.11 15.24 -3.10
N GLN B 117 -10.34 15.74 -3.02
CA GLN B 117 -10.71 16.67 -1.98
C GLN B 117 -12.09 16.32 -1.43
N ARG B 118 -12.23 16.49 -0.12
CA ARG B 118 -13.50 16.35 0.57
C ARG B 118 -13.67 17.62 1.41
N ASN B 119 -14.70 18.39 1.09
CA ASN B 119 -14.80 19.71 1.68
C ASN B 119 -15.12 19.64 3.16
N THR B 120 -14.73 20.70 3.87
CA THR B 120 -15.01 20.82 5.29
C THR B 120 -16.48 21.17 5.55
N ASN B 121 -17.02 22.11 4.79
CA ASN B 121 -18.38 22.60 5.04
C ASN B 121 -19.43 21.88 4.20
N LEU B 129 -24.01 16.81 3.81
CA LEU B 129 -22.86 16.03 3.35
C LEU B 129 -21.90 16.86 2.51
N PRO B 130 -20.59 16.58 2.61
CA PRO B 130 -19.63 17.45 1.93
C PRO B 130 -19.48 17.14 0.46
N ALA B 131 -19.12 18.18 -0.31
CA ALA B 131 -18.85 18.04 -1.73
C ALA B 131 -17.43 17.48 -1.94
N ASN B 132 -17.25 16.82 -3.08
CA ASN B 132 -15.99 16.14 -3.36
C ASN B 132 -15.59 16.35 -4.80
N ARG B 133 -14.30 16.22 -5.08
CA ARG B 133 -13.80 16.14 -6.44
C ARG B 133 -12.44 15.47 -6.43
N ALA B 134 -12.11 14.85 -7.56
CA ALA B 134 -10.79 14.28 -7.77
C ALA B 134 -10.39 14.43 -9.24
N HIS B 135 -9.09 14.60 -9.47
CA HIS B 135 -8.54 14.73 -10.80
C HIS B 135 -7.14 14.14 -10.86
N GLU B 136 -6.74 13.71 -12.05
CA GLU B 136 -5.36 13.34 -12.29
C GLU B 136 -4.46 14.53 -12.03
N ALA B 137 -3.27 14.25 -11.52
CA ALA B 137 -2.33 15.32 -11.16
C ALA B 137 -0.91 14.82 -11.30
N VAL B 138 0.02 15.77 -11.49
CA VAL B 138 1.45 15.47 -11.59
C VAL B 138 2.23 16.38 -10.64
N ILE B 139 3.16 15.81 -9.89
CA ILE B 139 4.05 16.57 -9.02
C ILE B 139 5.48 16.41 -9.54
N ALA B 140 6.06 17.52 -9.98
CA ALA B 140 7.44 17.54 -10.49
C ALA B 140 8.35 17.82 -9.31
N THR B 141 9.04 16.78 -8.83
CA THR B 141 9.82 16.91 -7.61
C THR B 141 11.11 17.67 -7.82
N TYR B 142 11.49 17.94 -9.08
CA TYR B 142 12.69 18.70 -9.39
C TYR B 142 12.38 20.19 -9.52
N SER B 143 11.11 20.56 -9.44
CA SER B 143 10.69 21.91 -9.72
C SER B 143 11.14 22.84 -8.62
N PRO B 144 11.45 24.10 -8.97
CA PRO B 144 11.71 25.09 -7.91
C PRO B 144 10.59 25.24 -6.92
N LYS B 145 9.36 24.89 -7.29
CA LYS B 145 8.24 25.05 -6.37
C LYS B 145 8.03 23.81 -5.50
N PHE B 146 8.82 22.77 -5.68
CA PHE B 146 8.76 21.60 -4.81
C PHE B 146 9.58 21.89 -3.56
N THR B 147 8.93 22.41 -2.54
CA THR B 147 9.60 22.82 -1.30
C THR B 147 8.90 22.22 -0.07
N PRO B 148 8.74 20.89 -0.03
CA PRO B 148 8.01 20.30 1.10
C PRO B 148 8.57 20.58 2.48
N LYS B 149 9.90 20.78 2.60
CA LYS B 149 10.47 21.10 3.91
C LYS B 149 10.02 22.48 4.37
N LEU B 150 9.68 23.37 3.42
CA LEU B 150 9.11 24.67 3.76
C LEU B 150 7.60 24.63 3.84
N GLY B 151 6.99 23.44 3.71
CA GLY B 151 5.57 23.29 3.87
C GLY B 151 4.74 23.52 2.63
N ASN B 152 5.34 23.60 1.45
CA ASN B 152 4.53 23.81 0.26
C ASN B 152 5.11 23.17 -0.99
N ILE B 153 4.19 22.65 -1.82
CA ILE B 153 4.52 22.06 -3.09
C ILE B 153 3.57 22.61 -4.14
N GLN B 154 3.79 22.20 -5.37
CA GLN B 154 2.92 22.51 -6.48
C GLN B 154 2.59 21.21 -7.19
N PHE B 155 1.35 21.09 -7.62
CA PHE B 155 0.95 20.03 -8.54
C PHE B 155 0.30 20.65 -9.75
N SER B 156 0.31 19.93 -10.86
CA SER B 156 -0.34 20.35 -12.09
C SER B 156 -1.46 19.37 -12.45
N THR B 157 -2.48 19.88 -13.13
CA THR B 157 -3.59 19.06 -13.61
C THR B 157 -3.82 19.37 -15.08
N TRP B 158 -4.45 18.42 -15.76
CA TRP B 158 -5.07 18.68 -17.04
C TRP B 158 -6.38 19.42 -16.86
N GLU B 159 -7.10 19.12 -15.79
CA GLU B 159 -8.28 19.90 -15.41
C GLU B 159 -7.88 21.36 -15.21
N THR B 160 -8.70 22.27 -15.73
CA THR B 160 -8.32 23.68 -15.73
C THR B 160 -8.92 24.50 -14.59
N GLN B 161 -10.00 24.03 -13.94
CA GLN B 161 -10.71 24.90 -12.99
C GLN B 161 -11.19 24.23 -11.71
N ASP B 162 -11.57 22.94 -11.73
CA ASP B 162 -12.36 22.36 -10.64
C ASP B 162 -11.47 21.77 -9.54
N VAL B 163 -10.63 22.62 -8.95
CA VAL B 163 -9.86 22.30 -7.75
C VAL B 163 -10.14 23.43 -6.77
N SER B 164 -10.57 23.07 -5.57
CA SER B 164 -11.02 24.08 -4.61
C SER B 164 -9.88 24.48 -3.67
N SER B 165 -9.82 25.76 -3.34
CA SER B 165 -8.87 26.28 -2.37
C SER B 165 -9.43 26.14 -0.97
N GLY B 166 -8.53 25.99 0.00
CA GLY B 166 -8.91 25.94 1.40
C GLY B 166 -9.64 24.70 1.87
N GLN B 167 -9.58 23.61 1.11
CA GLN B 167 -10.30 22.38 1.42
C GLN B 167 -9.32 21.21 1.51
N PRO B 168 -9.55 20.27 2.44
CA PRO B 168 -8.63 19.14 2.62
C PRO B 168 -8.40 18.38 1.32
N THR B 169 -7.12 18.14 1.03
CA THR B 169 -6.65 17.59 -0.22
C THR B 169 -5.68 16.44 0.04
N LYS B 170 -5.82 15.37 -0.75
CA LYS B 170 -4.99 14.18 -0.66
C LYS B 170 -4.38 13.88 -2.02
N PHE B 171 -3.10 13.52 -2.04
CA PHE B 171 -2.46 13.02 -3.25
C PHE B 171 -2.23 11.53 -3.07
N THR B 172 -2.80 10.73 -3.97
CA THR B 172 -2.61 9.28 -4.05
C THR B 172 -1.65 9.04 -5.22
N PRO B 173 -0.45 8.55 -4.98
CA PRO B 173 0.48 8.31 -6.10
C PRO B 173 0.06 7.09 -6.91
N VAL B 174 0.32 7.12 -8.22
CA VAL B 174 0.02 5.99 -9.09
C VAL B 174 1.23 5.55 -9.90
N GLY B 175 1.99 6.49 -10.41
CA GLY B 175 3.19 6.15 -11.17
C GLY B 175 3.96 7.37 -11.61
N LEU B 176 4.52 7.35 -12.82
CA LEU B 176 5.23 8.51 -13.37
C LEU B 176 4.46 9.06 -14.56
N ALA B 177 4.59 10.37 -14.79
CA ALA B 177 3.93 10.96 -15.95
C ALA B 177 4.67 10.64 -17.23
N SER B 178 5.99 10.60 -17.17
CA SER B 178 6.85 10.40 -18.32
C SER B 178 8.24 10.06 -17.82
N VAL B 179 9.03 9.42 -18.67
CA VAL B 179 10.48 9.32 -18.46
C VAL B 179 11.26 9.81 -19.67
N ASP B 180 10.66 10.70 -20.45
CA ASP B 180 11.45 11.25 -21.57
C ASP B 180 12.46 12.27 -21.04
N ALA B 181 13.33 12.74 -21.93
CA ALA B 181 14.47 13.54 -21.48
C ALA B 181 14.01 14.75 -20.68
N ASN B 182 12.95 15.42 -21.12
CA ASN B 182 12.47 16.61 -20.45
C ASN B 182 11.74 16.34 -19.14
N SER B 183 11.63 15.10 -18.67
CA SER B 183 10.90 14.81 -17.44
C SER B 183 11.80 14.52 -16.24
N HIS B 184 13.13 14.50 -16.43
CA HIS B 184 14.09 14.48 -15.34
C HIS B 184 13.87 13.33 -14.35
N PHE B 185 13.57 12.15 -14.85
CA PHE B 185 13.47 11.00 -13.97
C PHE B 185 14.87 10.49 -13.63
N ASP B 186 15.21 10.48 -12.35
CA ASP B 186 16.45 9.86 -11.90
C ASP B 186 16.21 9.40 -10.47
N GLN B 187 16.11 8.08 -10.29
CA GLN B 187 15.72 7.54 -9.01
C GLN B 187 16.72 7.81 -7.90
N TRP B 188 17.97 8.15 -8.24
CA TRP B 188 19.00 8.38 -7.22
C TRP B 188 19.31 9.86 -7.02
N THR B 189 18.63 10.75 -7.74
CA THR B 189 18.80 12.18 -7.50
C THR B 189 17.73 12.62 -6.50
N LEU B 190 18.15 13.11 -5.33
CA LEU B 190 17.22 13.59 -4.33
C LEU B 190 16.60 14.92 -4.77
N PRO B 191 15.33 15.15 -4.43
CA PRO B 191 14.79 16.51 -4.57
C PRO B 191 15.57 17.44 -3.66
N SER B 192 15.50 18.72 -3.97
CA SER B 192 15.90 19.77 -3.04
CA SER B 192 15.90 19.77 -3.04
C SER B 192 14.67 20.11 -2.21
N TYR B 193 14.60 19.56 -0.99
CA TYR B 193 13.38 19.62 -0.19
C TYR B 193 13.01 21.05 0.20
N SER B 194 13.97 21.99 0.19
CA SER B 194 13.71 23.39 0.50
C SER B 194 13.96 24.30 -0.69
N GLY B 195 14.07 23.76 -1.89
CA GLY B 195 14.37 24.59 -3.04
C GLY B 195 15.86 24.61 -3.35
N ALA B 196 16.17 25.13 -4.53
CA ALA B 196 17.36 24.69 -5.25
C ALA B 196 18.67 25.17 -4.62
N LEU B 197 18.65 26.31 -3.96
CA LEU B 197 19.89 26.87 -3.39
C LEU B 197 20.11 26.47 -1.94
N THR B 198 19.30 25.58 -1.40
CA THR B 198 19.35 25.21 0.00
C THR B 198 19.78 23.76 0.14
N LEU B 199 20.63 23.49 1.11
CA LEU B 199 21.11 22.14 1.36
C LEU B 199 20.03 21.29 2.04
N ASN B 200 19.88 20.06 1.58
CA ASN B 200 19.06 19.11 2.30
C ASN B 200 19.72 18.76 3.63
N MET B 201 18.90 18.48 4.63
CA MET B 201 19.38 18.15 5.96
C MET B 201 18.73 16.91 6.54
N ASN B 202 19.40 16.36 7.57
CA ASN B 202 18.87 15.23 8.34
C ASN B 202 18.73 13.98 7.48
N LEU B 203 19.59 13.83 6.48
CA LEU B 203 19.46 12.73 5.53
C LEU B 203 19.91 11.41 6.12
N ALA B 204 19.21 10.34 5.73
CA ALA B 204 19.76 9.01 5.94
C ALA B 204 21.05 8.92 5.11
N PRO B 205 22.04 8.19 5.62
CA PRO B 205 23.36 8.17 4.96
C PRO B 205 23.35 7.44 3.62
N SER B 206 24.33 7.76 2.78
CA SER B 206 24.51 6.98 1.55
C SER B 206 24.94 5.56 1.90
N VAL B 207 24.71 4.64 0.96
CA VAL B 207 25.04 3.22 1.14
C VAL B 207 25.89 2.76 -0.03
N ALA B 208 26.83 1.85 0.24
CA ALA B 208 27.70 1.33 -0.80
C ALA B 208 28.38 0.08 -0.28
N PRO B 209 28.79 -0.83 -1.17
CA PRO B 209 29.64 -1.95 -0.74
C PRO B 209 31.00 -1.42 -0.34
N VAL B 210 31.60 -2.08 0.64
CA VAL B 210 32.94 -1.69 1.12
C VAL B 210 34.00 -2.75 0.82
N PHE B 211 33.60 -3.98 0.50
CA PHE B 211 34.41 -5.14 0.16
C PHE B 211 34.52 -5.30 -1.35
N PRO B 212 35.69 -5.65 -1.89
CA PRO B 212 35.82 -5.76 -3.35
C PRO B 212 34.99 -6.90 -3.92
N GLY B 213 34.48 -6.68 -5.14
CA GLY B 213 33.65 -7.64 -5.82
C GLY B 213 32.21 -7.68 -5.36
N GLU B 214 31.86 -6.88 -4.36
CA GLU B 214 30.47 -6.82 -3.89
C GLU B 214 29.74 -5.68 -4.58
N CYS B 215 28.43 -5.82 -4.66
CA CYS B 215 27.57 -4.77 -5.17
C CYS B 215 26.31 -4.74 -4.32
N LEU B 216 25.58 -3.62 -4.42
CA LEU B 216 24.28 -3.54 -3.76
C LEU B 216 23.29 -4.50 -4.39
N LEU B 217 22.37 -5.03 -3.56
CA LEU B 217 21.24 -5.82 -4.02
C LEU B 217 19.97 -5.06 -3.70
N PHE B 218 19.14 -4.87 -4.71
CA PHE B 218 17.91 -4.10 -4.59
C PHE B 218 16.68 -4.97 -4.74
N PHE B 219 15.59 -4.47 -4.16
CA PHE B 219 14.27 -5.00 -4.41
C PHE B 219 13.61 -4.05 -5.41
N ARG B 220 13.39 -4.55 -6.63
CA ARG B 220 13.01 -3.72 -7.76
C ARG B 220 11.51 -3.87 -8.06
N SER B 221 10.87 -2.73 -8.35
CA SER B 221 9.49 -2.72 -8.80
C SER B 221 9.38 -1.89 -10.07
N PHE B 222 8.57 -2.33 -11.01
CA PHE B 222 8.29 -1.55 -12.20
C PHE B 222 7.13 -0.61 -11.95
N ILE B 223 7.29 0.63 -12.38
CA ILE B 223 6.38 1.73 -12.03
C ILE B 223 5.54 2.10 -13.24
N PRO B 224 4.22 2.28 -13.10
CA PRO B 224 3.39 2.66 -14.25
C PRO B 224 3.75 4.02 -14.84
N LEU B 225 3.41 4.17 -16.12
CA LEU B 225 3.57 5.43 -16.85
C LEU B 225 2.26 5.93 -17.43
N LYS B 226 2.03 7.25 -17.31
CA LYS B 226 0.87 7.88 -17.92
C LYS B 226 0.97 7.89 -19.44
N GLY B 227 2.17 8.01 -19.98
CA GLY B 227 2.32 8.03 -21.42
C GLY B 227 3.78 7.87 -21.80
N GLY B 228 4.00 7.75 -23.09
CA GLY B 228 5.35 7.67 -23.61
C GLY B 228 5.94 6.27 -23.58
N TYR B 229 7.21 6.19 -23.96
CA TYR B 229 7.92 4.92 -24.01
C TYR B 229 8.77 4.76 -22.75
N GLY B 230 8.93 3.53 -22.33
CA GLY B 230 9.78 3.24 -21.20
C GLY B 230 9.33 2.04 -20.42
N ASN B 231 10.24 1.54 -19.59
CA ASN B 231 9.93 0.49 -18.60
C ASN B 231 10.61 0.84 -17.29
N PRO B 232 10.18 1.95 -16.66
CA PRO B 232 10.91 2.46 -15.50
C PRO B 232 10.71 1.58 -14.28
N ALA B 233 11.74 1.61 -13.43
CA ALA B 233 11.77 0.84 -12.20
C ALA B 233 12.20 1.74 -11.04
N ILE B 234 11.78 1.34 -9.85
CA ILE B 234 12.15 1.94 -8.59
C ILE B 234 12.78 0.83 -7.74
N ASP B 235 14.01 1.02 -7.33
CA ASP B 235 14.75 0.06 -6.52
C ASP B 235 14.80 0.49 -5.06
N CYS B 236 14.39 -0.38 -4.15
CA CYS B 236 14.52 -0.06 -2.73
C CYS B 236 15.53 -0.96 -2.03
N LEU B 237 16.04 -0.47 -0.90
CA LEU B 237 17.10 -1.19 -0.18
C LEU B 237 16.51 -2.31 0.67
N MET B 238 15.27 -2.13 1.16
CA MET B 238 14.59 -3.16 1.96
C MET B 238 13.12 -2.92 1.66
N PRO B 239 12.31 -3.96 1.56
CA PRO B 239 10.87 -3.74 1.33
C PRO B 239 10.20 -3.14 2.55
N GLN B 240 9.01 -2.59 2.33
CA GLN B 240 8.28 -1.95 3.42
C GLN B 240 8.02 -2.90 4.58
N GLU B 241 7.74 -4.17 4.29
CA GLU B 241 7.48 -5.11 5.37
C GLU B 241 8.71 -5.35 6.25
N TRP B 242 9.91 -5.21 5.69
CA TRP B 242 11.11 -5.31 6.52
C TRP B 242 11.22 -4.09 7.42
N VAL B 243 10.97 -2.88 6.89
CA VAL B 243 10.92 -1.67 7.73
C VAL B 243 9.99 -1.89 8.90
N GLN B 244 8.78 -2.39 8.62
CA GLN B 244 7.78 -2.56 9.68
C GLN B 244 8.24 -3.60 10.70
N HIS B 245 8.87 -4.67 10.24
CA HIS B 245 9.33 -5.73 11.14
C HIS B 245 10.46 -5.24 12.02
N LEU B 246 11.46 -4.62 11.42
CA LEU B 246 12.61 -4.16 12.18
C LEU B 246 12.17 -3.17 13.24
N TYR B 247 11.27 -2.26 12.87
CA TYR B 247 10.76 -1.30 13.84
C TYR B 247 10.07 -2.00 15.00
N GLN B 248 9.25 -3.01 14.72
CA GLN B 248 8.54 -3.73 15.78
C GLN B 248 9.53 -4.40 16.73
N GLU B 249 10.49 -5.14 16.16
CA GLU B 249 11.33 -6.04 16.97
C GLU B 249 12.41 -5.27 17.73
N SER B 250 13.03 -4.29 17.09
CA SER B 250 14.09 -3.52 17.72
C SER B 250 15.13 -4.45 18.34
N ALA B 251 15.55 -5.44 17.57
CA ALA B 251 16.54 -6.38 18.09
C ALA B 251 17.93 -5.74 18.01
N PRO B 252 18.73 -5.87 19.06
CA PRO B 252 20.06 -5.25 19.03
C PRO B 252 20.95 -5.85 17.94
N SER B 253 21.71 -4.98 17.28
CA SER B 253 22.65 -5.43 16.26
C SER B 253 23.94 -5.83 16.95
N LEU B 254 24.36 -7.07 16.77
CA LEU B 254 25.52 -7.60 17.49
C LEU B 254 26.83 -7.46 16.71
N SER B 255 26.76 -7.10 15.44
CA SER B 255 27.91 -6.64 14.68
C SER B 255 27.39 -5.65 13.64
N ASP B 256 28.29 -5.19 12.78
CA ASP B 256 27.89 -4.24 11.74
C ASP B 256 27.29 -4.93 10.52
N VAL B 257 27.33 -6.26 10.47
CA VAL B 257 26.96 -6.99 9.27
C VAL B 257 26.35 -8.31 9.66
N ALA B 258 25.10 -8.56 9.22
CA ALA B 258 24.48 -9.85 9.35
C ALA B 258 24.64 -10.64 8.06
N LEU B 259 24.84 -11.95 8.18
CA LEU B 259 24.83 -12.84 7.03
C LEU B 259 23.43 -13.41 6.87
N VAL B 260 22.85 -13.24 5.68
CA VAL B 260 21.54 -13.79 5.39
C VAL B 260 21.64 -14.73 4.18
N ARG B 261 20.78 -15.74 4.15
CA ARG B 261 20.72 -16.70 3.06
C ARG B 261 19.36 -16.62 2.38
N TYR B 262 19.36 -16.65 1.04
CA TYR B 262 18.14 -16.69 0.27
C TYR B 262 17.82 -18.15 0.01
N VAL B 263 16.71 -18.63 0.55
CA VAL B 263 16.45 -20.06 0.59
C VAL B 263 15.21 -20.40 -0.21
N ASN B 264 15.26 -21.55 -0.89
CA ASN B 264 14.06 -22.22 -1.37
C ASN B 264 13.52 -23.10 -0.26
N PRO B 265 12.32 -22.84 0.26
CA PRO B 265 11.77 -23.74 1.29
C PRO B 265 11.31 -25.07 0.73
N GLU B 266 10.86 -25.10 -0.53
CA GLU B 266 10.54 -26.37 -1.18
C GLU B 266 11.68 -27.36 -1.00
N THR B 267 12.92 -26.94 -1.27
CA THR B 267 14.07 -27.82 -1.18
C THR B 267 14.89 -27.62 0.08
N GLY B 268 14.75 -26.48 0.75
CA GLY B 268 15.65 -26.12 1.83
C GLY B 268 17.02 -25.65 1.37
N ARG B 269 17.30 -25.69 0.08
CA ARG B 269 18.61 -25.30 -0.42
C ARG B 269 18.78 -23.78 -0.36
N THR B 270 19.99 -23.35 -0.04
CA THR B 270 20.36 -21.95 -0.17
C THR B 270 20.69 -21.65 -1.62
N LEU B 271 20.06 -20.60 -2.17
CA LEU B 271 20.34 -20.19 -3.53
C LEU B 271 21.52 -19.23 -3.61
N PHE B 272 21.66 -18.35 -2.62
CA PHE B 272 22.80 -17.45 -2.52
C PHE B 272 22.78 -16.81 -1.14
N GLU B 273 23.89 -16.19 -0.77
CA GLU B 273 23.97 -15.48 0.50
C GLU B 273 24.30 -14.01 0.25
N ALA B 274 24.01 -13.19 1.26
CA ALA B 274 24.16 -11.76 1.15
C ALA B 274 24.57 -11.21 2.51
N LYS B 275 25.17 -10.04 2.50
CA LYS B 275 25.44 -9.28 3.71
C LYS B 275 24.29 -8.31 3.92
N LEU B 276 23.72 -8.29 5.12
CA LEU B 276 22.70 -7.30 5.51
C LEU B 276 23.39 -6.36 6.49
N HIS B 277 23.66 -5.14 6.03
CA HIS B 277 24.45 -4.15 6.77
C HIS B 277 23.59 -3.44 7.81
N ARG B 278 24.26 -3.01 8.89
CA ARG B 278 23.58 -2.40 10.03
C ARG B 278 22.68 -1.25 9.63
N ASN B 279 23.10 -0.42 8.67
CA ASN B 279 22.30 0.74 8.27
C ASN B 279 21.07 0.36 7.45
N GLY B 280 20.92 -0.91 7.07
CA GLY B 280 19.70 -1.38 6.41
C GLY B 280 19.81 -1.49 4.91
N PHE B 281 20.77 -2.29 4.43
CA PHE B 281 20.89 -2.53 2.99
C PHE B 281 21.66 -3.83 2.78
N LEU B 282 21.52 -4.38 1.59
CA LEU B 282 22.13 -5.66 1.24
C LEU B 282 23.25 -5.50 0.22
N THR B 283 24.31 -6.31 0.37
CA THR B 283 25.28 -6.51 -0.70
C THR B 283 25.45 -7.99 -1.01
N VAL B 284 25.80 -8.26 -2.27
CA VAL B 284 26.09 -9.60 -2.76
C VAL B 284 27.42 -9.58 -3.50
N ALA B 285 27.97 -10.77 -3.68
CA ALA B 285 29.17 -10.94 -4.50
C ALA B 285 28.71 -11.36 -5.89
N ARG B 286 28.57 -10.37 -6.77
CA ARG B 286 28.07 -10.59 -8.13
C ARG B 286 28.72 -9.54 -9.01
N ASN B 287 29.15 -9.94 -10.22
CA ASN B 287 29.84 -9.04 -11.14
C ASN B 287 29.03 -8.83 -12.40
N SER B 288 27.70 -8.80 -12.28
CA SER B 288 26.84 -8.58 -13.41
C SER B 288 25.65 -7.74 -12.96
N ALA B 289 25.02 -7.09 -13.94
CA ALA B 289 23.83 -6.29 -13.75
C ALA B 289 22.62 -7.06 -14.22
N GLY B 290 21.49 -6.80 -13.58
CA GLY B 290 20.23 -7.32 -14.04
C GLY B 290 19.49 -8.06 -12.95
N PRO B 291 18.36 -8.66 -13.31
CA PRO B 291 17.58 -9.39 -12.32
C PRO B 291 18.33 -10.60 -11.80
N VAL B 292 17.92 -11.01 -10.61
CA VAL B 292 18.31 -12.28 -10.03
C VAL B 292 17.20 -13.26 -10.35
N VAL B 293 17.51 -14.29 -11.14
CA VAL B 293 16.53 -15.29 -11.50
C VAL B 293 16.41 -16.25 -10.31
N ALA B 294 15.25 -16.23 -9.66
CA ALA B 294 14.99 -17.11 -8.55
C ALA B 294 13.48 -17.22 -8.36
N PRO B 295 13.01 -18.27 -7.70
CA PRO B 295 11.57 -18.38 -7.42
C PRO B 295 11.06 -17.23 -6.56
N THR B 296 9.82 -16.81 -6.82
CA THR B 296 9.20 -15.76 -6.02
C THR B 296 8.69 -16.27 -4.68
N ASN B 297 8.76 -17.57 -4.43
CA ASN B 297 8.54 -18.18 -3.12
C ASN B 297 9.82 -18.33 -2.29
N GLY B 298 10.96 -17.85 -2.78
CA GLY B 298 12.14 -17.83 -1.95
C GLY B 298 12.11 -16.67 -0.97
N TYR B 299 12.97 -16.74 0.05
CA TYR B 299 12.96 -15.70 1.06
C TYR B 299 14.29 -15.68 1.79
N PHE B 300 14.58 -14.53 2.39
CA PHE B 300 15.81 -14.33 3.14
C PHE B 300 15.65 -14.79 4.58
N ARG B 301 16.66 -15.50 5.08
CA ARG B 301 16.70 -15.99 6.45
C ARG B 301 18.01 -15.53 7.09
N PHE B 302 17.92 -15.03 8.32
CA PHE B 302 19.11 -14.62 9.06
C PHE B 302 19.91 -15.86 9.43
N ASP B 303 21.23 -15.81 9.21
CA ASP B 303 22.13 -16.92 9.53
C ASP B 303 22.95 -16.61 10.78
N SER B 304 23.70 -15.52 10.78
CA SER B 304 24.60 -15.21 11.87
C SER B 304 25.13 -13.81 11.65
N TRP B 305 25.69 -13.23 12.70
CA TRP B 305 26.45 -11.99 12.58
C TRP B 305 27.87 -12.28 12.12
N VAL B 306 28.35 -11.51 11.16
CA VAL B 306 29.71 -11.65 10.66
C VAL B 306 30.37 -10.28 10.75
N ASN B 307 31.32 -9.98 9.87
CA ASN B 307 31.95 -8.65 9.90
C ASN B 307 32.27 -8.20 8.49
N GLN B 308 32.88 -7.02 8.39
CA GLN B 308 33.12 -6.38 7.10
C GLN B 308 34.00 -7.26 6.22
N PHE B 309 34.85 -8.08 6.83
CA PHE B 309 35.85 -8.87 6.10
C PHE B 309 35.34 -10.23 5.67
N TYR B 310 34.10 -10.59 6.02
CA TYR B 310 33.56 -11.86 5.59
C TYR B 310 33.47 -11.92 4.06
N THR B 311 33.89 -13.04 3.49
CA THR B 311 33.86 -13.23 2.05
C THR B 311 32.60 -13.98 1.67
N LEU B 312 31.71 -13.33 0.91
CA LEU B 312 30.48 -13.96 0.50
C LEU B 312 30.72 -14.97 -0.60
N ALA B 313 29.99 -16.08 -0.54
CA ALA B 313 30.01 -17.03 -1.65
C ALA B 313 29.52 -16.33 -2.92
N PRO B 314 30.27 -16.42 -4.02
CA PRO B 314 29.84 -15.76 -5.25
C PRO B 314 28.49 -16.26 -5.75
N MET B 315 27.75 -15.35 -6.37
CA MET B 315 26.51 -15.70 -7.07
C MET B 315 26.86 -16.16 -8.48
C1 GLC C . 6.17 11.97 -23.37
C2 GLC C . 5.12 12.99 -22.93
C3 GLC C . 3.72 12.39 -23.07
C4 GLC C . 3.50 11.88 -24.49
C5 GLC C . 4.63 10.92 -24.84
C6 GLC C . 4.56 10.40 -26.26
O1 GLC C . 6.26 10.88 -22.51
O2 GLC C . 5.40 13.36 -21.61
O3 GLC C . 2.74 13.32 -22.69
O4 GLC C . 2.29 11.19 -24.56
O5 GLC C . 5.88 11.58 -24.69
O6 GLC C . 5.69 9.64 -26.60
C1 GAL C . 1.37 11.67 -25.53
C2 GAL C . 0.25 10.63 -25.64
C3 GAL C . -0.83 11.12 -26.61
C4 GAL C . -1.35 12.50 -26.20
C5 GAL C . -0.15 13.43 -26.08
C6 GAL C . -0.60 14.80 -25.57
O2 GAL C . 0.78 9.42 -26.08
O3 GAL C . -1.82 10.15 -26.65
O4 GAL C . -2.07 12.37 -25.00
O5 GAL C . 0.83 12.91 -25.18
O6 GAL C . 0.44 15.73 -25.80
C1 FUC C . 0.96 8.44 -25.03
C2 FUC C . -0.18 7.44 -25.05
C3 FUC C . -0.14 6.61 -26.36
C4 FUC C . 1.23 5.97 -26.58
C5 FUC C . 2.28 7.06 -26.44
C6 FUC C . 3.70 6.51 -26.48
O2 FUC C . -1.36 8.15 -24.84
O3 FUC C . -1.17 5.62 -26.33
O4 FUC C . 1.46 4.90 -25.69
O5 FUC C . 2.12 7.74 -25.19
C1 EDO D . -0.20 -4.90 -7.14
O1 EDO D . 0.08 -5.77 -6.01
C2 EDO D . -1.34 -5.42 -8.02
O2 EDO D . -1.57 -4.58 -9.16
H11 EDO D . 0.71 -4.82 -7.75
H12 EDO D . -0.45 -3.91 -6.77
HO1 EDO D . 0.91 -5.51 -5.59
H21 EDO D . -2.25 -5.48 -7.41
H22 EDO D . -1.10 -6.43 -8.36
HO2 EDO D . -2.44 -4.78 -9.53
C1 EDO E . -3.26 -2.41 17.76
O1 EDO E . -4.43 -1.59 17.88
C2 EDO E . -2.65 -2.30 16.38
O2 EDO E . -1.52 -3.16 16.27
H11 EDO E . -3.52 -3.45 17.98
H12 EDO E . -2.52 -2.09 18.51
HO1 EDO E . -4.93 -1.85 18.67
H21 EDO E . -2.36 -1.27 16.18
H22 EDO E . -3.40 -2.58 15.63
HO2 EDO E . -1.17 -3.11 15.37
C1 EDO F . -2.03 -14.03 -4.89
O1 EDO F . -2.65 -12.75 -4.84
C2 EDO F . -0.84 -14.05 -5.86
O2 EDO F . -1.36 -14.06 -7.20
H11 EDO F . -1.68 -14.31 -3.89
H12 EDO F . -2.77 -14.78 -5.20
HO1 EDO F . -3.32 -12.74 -4.14
H21 EDO F . -0.22 -13.16 -5.71
H22 EDO F . -0.23 -14.93 -5.69
HO2 EDO F . -0.63 -13.96 -7.82
C1 EDO G . -16.83 6.84 -15.96
O1 EDO G . -17.67 5.68 -15.88
C2 EDO G . -17.02 7.52 -17.30
O2 EDO G . -18.33 8.07 -17.46
H11 EDO G . -17.08 7.53 -15.15
H12 EDO G . -15.79 6.54 -15.84
HO1 EDO G . -17.55 5.24 -15.03
H21 EDO G . -16.29 8.33 -17.38
H22 EDO G . -16.82 6.81 -18.10
HO2 EDO G . -18.38 8.56 -18.30
N NO3 H . -27.34 -3.99 -8.30
O1 NO3 H . -26.90 -5.08 -8.77
O2 NO3 H . -27.75 -3.07 -9.06
O3 NO3 H . -27.35 -3.82 -7.04
C1 PEG I . 10.12 -14.18 16.22
O1 PEG I . 10.85 -15.38 16.04
C2 PEG I . 8.84 -14.17 15.44
O2 PEG I . 8.23 -15.45 15.49
C3 PEG I . 7.32 -15.69 14.43
C4 PEG I . 7.89 -16.68 13.45
O4 PEG I . 7.23 -16.59 12.21
H11 PEG I . 10.66 -13.42 15.95
H12 PEG I . 9.90 -14.09 17.17
HO1 PEG I . 10.38 -16.09 16.15
H21 PEG I . 9.04 -13.95 14.51
H22 PEG I . 8.24 -13.50 15.80
H31 PEG I . 7.15 -14.86 13.96
H32 PEG I . 6.49 -16.05 14.79
H41 PEG I . 7.79 -17.58 13.80
H42 PEG I . 8.84 -16.50 13.32
HO4 PEG I . 7.57 -16.02 11.67
C1 EDO J . 7.27 -11.83 17.78
O1 EDO J . 8.59 -12.36 17.92
C2 EDO J . 6.32 -12.63 18.66
O2 EDO J . 6.32 -14.01 18.27
H11 EDO J . 6.95 -11.89 16.73
H12 EDO J . 7.26 -10.78 18.07
HO1 EDO J . 8.55 -13.27 18.24
H21 EDO J . 5.31 -12.22 18.58
H22 EDO J . 6.63 -12.54 19.70
HO2 EDO J . 5.80 -14.52 18.90
C1 EDO K . 33.13 -13.32 14.23
O1 EDO K . 34.46 -13.78 13.96
C2 EDO K . 32.48 -12.92 12.91
O2 EDO K . 32.34 -14.09 12.09
H11 EDO K . 33.16 -12.47 14.91
H12 EDO K . 32.55 -14.11 14.71
HO1 EDO K . 34.82 -14.22 14.73
H21 EDO K . 33.09 -12.18 12.40
H22 EDO K . 31.49 -12.47 13.10
HO2 EDO K . 32.11 -13.83 11.19
C1 EDO L . -2.34 8.00 3.52
O1 EDO L . -1.55 7.31 4.49
C2 EDO L . -1.73 9.35 3.23
O2 EDO L . -2.58 10.12 2.36
H11 EDO L . -2.40 7.41 2.60
H12 EDO L . -3.36 8.13 3.90
HO1 EDO L . -1.98 6.49 4.75
H21 EDO L . -1.58 9.88 4.16
H22 EDO L . -0.76 9.21 2.75
HO2 EDO L . -2.15 10.98 2.17
C1 EDO M . -4.45 12.26 -21.49
O1 EDO M . -3.97 13.60 -21.70
C2 EDO M . -5.75 12.31 -20.69
O2 EDO M . -5.54 12.77 -19.34
H11 EDO M . -3.70 11.68 -20.95
H12 EDO M . -4.63 11.78 -22.46
HO1 EDO M . -3.16 13.57 -22.21
H21 EDO M . -6.20 11.32 -20.67
H22 EDO M . -6.45 12.99 -21.18
HO2 EDO M . -5.86 13.67 -19.24
C1 EDO N . 2.58 10.92 10.78
O1 EDO N . 2.28 12.20 10.20
C2 EDO N . 3.93 10.41 10.29
O2 EDO N . 3.94 10.35 8.86
H11 EDO N . 1.80 10.21 10.52
H12 EDO N . 2.61 11.02 11.88
HO1 EDO N . 1.52 12.59 10.67
H21 EDO N . 4.13 9.42 10.70
H22 EDO N . 4.73 11.08 10.63
HO2 EDO N . 4.70 9.82 8.57
C1 EDO O . -0.20 17.93 -16.39
O1 EDO O . 1.20 18.20 -16.27
C2 EDO O . -0.77 18.88 -17.45
O2 EDO O . -0.05 18.65 -18.65
H11 EDO O . -0.70 18.10 -15.43
H12 EDO O . -0.36 16.90 -16.68
HO1 EDO O . 1.49 18.06 -15.36
H21 EDO O . -0.67 19.91 -17.13
H22 EDO O . -1.84 18.67 -17.60
HO2 EDO O . 0.62 19.34 -18.76
#